data_2BRR
#
_entry.id   2BRR
#
_cell.length_a   53.666
_cell.length_b   63.833
_cell.length_c   124.701
_cell.angle_alpha   90.00
_cell.angle_beta   86.58
_cell.angle_gamma   90.00
#
_symmetry.space_group_name_H-M   'P 1 21 1'
#
loop_
_entity.id
_entity.type
_entity.pdbx_description
1 polymer 'MN20B9.34 ANTI-P1.4 ANTIBODY, FAB HEAVY CHAIN'
2 polymer 'MN20B9.34 ANTI-P1.4 ANTIBODY, FAB LIGHT CHAIN'
3 polymer 'CLASS 1 OUTER MEMBRANE PROTEIN VARIABLE REGION 2'
4 non-polymer 'SULFATE ION'
5 non-polymer 'ACETIC ACID'
6 water water
#
loop_
_entity_poly.entity_id
_entity_poly.type
_entity_poly.pdbx_seq_one_letter_code
_entity_poly.pdbx_strand_id
1 'polypeptide(L)'
;AVQLEQSGPELKKPGETVKISCKASGYTFTNYGMNWVKQAPGKGLKWMGWINTYTGEPTYADDFKERFAFSLETSASAAY
LQINNLKNEDTATYFCARDYYGSTYPYYAMDYWGQGTTVTVSSAKTTAPSVYPLAPVCGDTTGSSVTLGCLVKGYFPEPV
TLTWNSGSLSSGVHTFPAVLQSDLYTLSSSVTVTSSTWPSQSITCNVAHPASSTKVDKKIEPRGG
;
H,Y
2 'polypeptide(L)'
;ENVLTQSPAIMSASPGEKVTMTCRASSSVSSSYLHWYQQKSGASPKLWIYSTSNLASGVPARFSGSGSGTSYSLTISSVE
AEDAATYYCQQYSGYPYTFGGGTKLEIKRADAAPTVSIFPPSSEQLTSGGASVVCFLNNFYPKDINVKWKIDGSERQNGV
LNSWTDQDSKDSTYSMSSTLTLTKDEYERHNSYTCEATHKTSTSPIVKSFNRNEC
;
L,X
3 'polypeptide(L)' (ACE)HVVVNNKVATH(NH2) P
#
loop_
_chem_comp.id
_chem_comp.type
_chem_comp.name
_chem_comp.formula
ACE non-polymer 'ACETYL GROUP' 'C2 H4 O'
ACY non-polymer 'ACETIC ACID' 'C2 H4 O2'
NH2 non-polymer 'AMINO GROUP' 'H2 N'
SO4 non-polymer 'SULFATE ION' 'O4 S -2'
#
# COMPACT_ATOMS: atom_id res chain seq x y z
N VAL A 2 11.97 22.34 -5.99
CA VAL A 2 11.04 21.82 -4.94
C VAL A 2 11.28 22.48 -3.57
N GLN A 3 10.23 23.07 -3.02
CA GLN A 3 10.28 23.57 -1.66
C GLN A 3 8.96 23.56 -0.91
N LEU A 4 9.09 23.33 0.38
CA LEU A 4 7.97 23.39 1.32
C LEU A 4 8.18 24.65 2.17
N GLU A 5 7.25 25.60 2.08
CA GLU A 5 7.33 26.86 2.81
C GLU A 5 6.19 26.94 3.79
N GLN A 6 6.56 27.04 5.06
CA GLN A 6 5.61 27.08 6.16
C GLN A 6 5.30 28.50 6.66
N SER A 7 4.16 28.64 7.33
CA SER A 7 3.77 29.91 7.94
C SER A 7 4.62 30.23 9.17
N GLY A 8 4.47 31.46 9.65
CA GLY A 8 5.36 32.02 10.63
C GLY A 8 5.11 31.52 12.04
N PRO A 9 5.95 31.96 12.97
CA PRO A 9 5.79 31.58 14.37
C PRO A 9 4.45 32.04 14.96
N GLU A 10 3.93 31.28 15.93
CA GLU A 10 2.68 31.63 16.58
C GLU A 10 2.81 31.57 18.09
N LEU A 11 2.13 32.49 18.76
CA LEU A 11 1.95 32.50 20.21
C LEU A 11 0.46 32.35 20.48
N LYS A 12 0.08 31.39 21.33
CA LYS A 12 -1.32 31.15 21.59
C LYS A 12 -1.47 30.84 23.05
N LYS A 13 -2.65 31.15 23.59
CA LYS A 13 -3.00 30.80 24.96
C LYS A 13 -3.46 29.34 25.03
N PRO A 14 -3.29 28.67 26.19
CA PRO A 14 -3.92 27.36 26.31
C PRO A 14 -5.41 27.42 25.99
N GLY A 15 -5.89 26.41 25.28
CA GLY A 15 -7.29 26.31 24.91
C GLY A 15 -7.62 26.94 23.58
N GLU A 16 -6.69 27.75 23.03
CA GLU A 16 -6.87 28.29 21.69
C GLU A 16 -6.59 27.24 20.62
N THR A 17 -6.76 27.63 19.37
CA THR A 17 -6.38 26.80 18.23
C THR A 17 -5.35 27.54 17.38
N VAL A 18 -4.60 26.77 16.60
CA VAL A 18 -3.64 27.31 15.67
C VAL A 18 -3.74 26.48 14.39
N LYS A 19 -3.52 27.12 13.26
CA LYS A 19 -3.53 26.43 11.98
C LYS A 19 -2.27 26.83 11.24
N ILE A 20 -1.44 25.85 10.92
CA ILE A 20 -0.15 26.05 10.30
C ILE A 20 -0.26 25.60 8.85
N SER A 21 0.26 26.39 7.93
CA SER A 21 0.27 26.01 6.51
C SER A 21 1.63 25.48 6.07
N CYS A 22 1.59 24.67 5.01
CA CYS A 22 2.78 24.17 4.35
C CYS A 22 2.48 24.26 2.86
N LYS A 23 3.11 25.21 2.17
CA LYS A 23 2.92 25.34 0.73
C LYS A 23 4.03 24.67 -0.07
N ALA A 24 3.62 23.80 -0.99
CA ALA A 24 4.56 23.04 -1.81
C ALA A 24 4.74 23.70 -3.19
N SER A 25 5.96 23.61 -3.71
CA SER A 25 6.32 24.15 -5.03
C SER A 25 7.24 23.16 -5.70
N GLY A 26 7.18 23.09 -7.03
CA GLY A 26 8.20 22.40 -7.81
C GLY A 26 7.90 20.95 -8.13
N TYR A 27 6.70 20.50 -7.78
CA TYR A 27 6.23 19.13 -8.04
C TYR A 27 4.70 19.08 -8.01
N THR A 28 4.14 17.97 -8.48
CA THR A 28 2.70 17.79 -8.48
C THR A 28 2.30 17.41 -7.07
N PHE A 29 1.60 18.32 -6.40
CA PHE A 29 1.30 18.20 -4.98
C PHE A 29 0.61 16.90 -4.61
N THR A 30 -0.33 16.50 -5.47
CA THR A 30 -1.24 15.39 -5.20
C THR A 30 -0.61 14.01 -5.44
N ASN A 31 0.65 13.98 -5.88
CA ASN A 31 1.37 12.71 -6.09
C ASN A 31 2.09 12.21 -4.84
N TYR A 32 2.37 13.10 -3.88
CA TYR A 32 3.23 12.76 -2.74
C TYR A 32 2.56 13.00 -1.41
N GLY A 33 2.62 12.03 -0.53
CA GLY A 33 2.07 12.20 0.82
C GLY A 33 2.81 13.31 1.58
N MET A 34 2.10 13.94 2.51
CA MET A 34 2.69 14.98 3.33
C MET A 34 2.68 14.51 4.79
N ASN A 35 3.82 14.65 5.46
CA ASN A 35 3.98 14.20 6.83
C ASN A 35 4.11 15.42 7.73
N TRP A 36 3.79 15.22 9.00
CA TRP A 36 3.91 16.26 10.01
C TRP A 36 4.73 15.68 11.12
N VAL A 37 5.72 16.47 11.57
CA VAL A 37 6.74 16.05 12.53
C VAL A 37 6.88 17.16 13.55
N LYS A 38 6.84 16.75 14.81
CA LYS A 38 6.99 17.64 15.96
C LYS A 38 8.39 17.58 16.58
N GLN A 39 8.93 18.74 16.93
CA GLN A 39 10.18 18.81 17.68
C GLN A 39 9.99 19.84 18.81
N ALA A 40 9.77 19.34 20.02
CA ALA A 40 9.75 20.17 21.23
C ALA A 40 11.14 20.79 21.46
N PRO A 41 11.20 21.95 22.14
CA PRO A 41 12.48 22.65 22.27
C PRO A 41 13.57 21.79 22.89
N GLY A 42 14.68 21.67 22.16
CA GLY A 42 15.84 20.90 22.62
C GLY A 42 15.62 19.41 22.68
N LYS A 43 14.54 18.95 22.02
CA LYS A 43 14.25 17.50 21.94
C LYS A 43 14.36 16.92 20.53
N GLY A 44 14.02 15.65 20.40
CA GLY A 44 14.17 14.91 19.14
C GLY A 44 12.92 15.06 18.28
N LEU A 45 12.79 14.19 17.29
CA LEU A 45 11.72 14.30 16.31
C LEU A 45 10.64 13.29 16.57
N LYS A 46 9.39 13.71 16.38
CA LYS A 46 8.26 12.80 16.56
C LYS A 46 7.30 12.90 15.39
N TRP A 47 7.04 11.79 14.72
CA TRP A 47 6.12 11.74 13.59
C TRP A 47 4.68 11.82 14.10
N MET A 48 3.93 12.78 13.57
CA MET A 48 2.54 12.97 13.95
C MET A 48 1.55 12.20 13.11
N GLY A 49 1.97 11.85 11.90
CA GLY A 49 1.12 11.14 10.97
C GLY A 49 1.28 11.77 9.61
N TRP A 50 0.40 11.43 8.69
CA TRP A 50 0.51 11.96 7.32
C TRP A 50 -0.85 12.15 6.70
N ILE A 51 -0.88 12.83 5.56
CA ILE A 51 -2.11 12.98 4.83
C ILE A 51 -1.86 12.63 3.37
N ASN A 52 -2.78 11.83 2.83
CA ASN A 52 -2.81 11.52 1.42
C ASN A 52 -3.31 12.74 0.64
N THR A 53 -2.43 13.32 -0.15
CA THR A 53 -2.72 14.57 -0.87
C THR A 53 -3.67 14.40 -2.06
N TYR A 54 -3.84 13.15 -2.50
CA TYR A 54 -4.75 12.84 -3.57
C TYR A 54 -6.18 12.65 -3.07
N THR A 55 -6.33 11.89 -1.97
CA THR A 55 -7.63 11.59 -1.42
C THR A 55 -8.09 12.50 -0.29
N GLY A 56 -7.14 13.18 0.37
CA GLY A 56 -7.42 13.97 1.56
C GLY A 56 -7.43 13.15 2.85
N GLU A 57 -7.25 11.83 2.75
CA GLU A 57 -7.34 10.98 3.93
C GLU A 57 -6.16 11.17 4.89
N PRO A 58 -6.44 11.58 6.14
CA PRO A 58 -5.35 11.70 7.10
C PRO A 58 -5.10 10.42 7.88
N THR A 59 -3.86 10.22 8.30
CA THR A 59 -3.50 9.13 9.20
C THR A 59 -2.73 9.73 10.36
N TYR A 60 -3.25 9.55 11.57
CA TYR A 60 -2.70 10.16 12.77
C TYR A 60 -1.99 9.09 13.59
N ALA A 61 -0.77 9.40 14.03
CA ALA A 61 -0.09 8.55 14.97
C ALA A 61 -0.93 8.53 16.27
N ASP A 62 -0.91 7.41 16.98
CA ASP A 62 -1.73 7.27 18.19
C ASP A 62 -1.50 8.31 19.31
N ASP A 63 -0.39 9.04 19.30
CA ASP A 63 -0.28 10.13 20.28
C ASP A 63 -0.92 11.42 19.81
N PHE A 64 -1.41 11.45 18.57
CA PHE A 64 -1.97 12.67 17.96
C PHE A 64 -3.42 12.56 17.51
N LYS A 65 -4.21 11.81 18.29
CA LYS A 65 -5.67 11.70 18.15
C LYS A 65 -6.23 12.22 19.45
N GLU A 66 -6.96 13.33 19.50
CA GLU A 66 -7.89 13.83 18.51
C GLU A 66 -7.97 15.38 18.49
N ARG A 67 -6.95 16.07 18.99
CA ARG A 67 -6.91 17.53 18.96
C ARG A 67 -6.25 18.03 17.68
N PHE A 68 -5.76 17.08 16.86
CA PHE A 68 -4.95 17.38 15.68
C PHE A 68 -5.73 17.08 14.42
N ALA A 69 -5.64 17.98 13.45
CA ALA A 69 -6.35 17.86 12.17
C ALA A 69 -5.46 18.21 11.00
N PHE A 70 -5.22 17.23 10.12
CA PHE A 70 -4.57 17.50 8.84
C PHE A 70 -5.64 17.78 7.81
N SER A 71 -5.44 18.83 7.01
CA SER A 71 -6.29 19.09 5.85
C SER A 71 -5.45 19.57 4.67
N LEU A 72 -6.12 19.77 3.54
CA LEU A 72 -5.49 20.28 2.31
C LEU A 72 -6.25 21.45 1.72
N GLU A 73 -5.53 22.32 1.00
CA GLU A 73 -6.18 23.06 -0.10
C GLU A 73 -5.39 22.76 -1.38
N THR A 74 -5.84 21.75 -2.12
CA THR A 74 -5.04 21.21 -3.24
C THR A 74 -4.97 22.20 -4.39
N SER A 75 -6.03 22.98 -4.60
CA SER A 75 -6.04 24.08 -5.56
C SER A 75 -4.98 25.15 -5.23
N ALA A 76 -4.42 25.10 -4.01
CA ALA A 76 -3.33 25.98 -3.56
C ALA A 76 -2.02 25.23 -3.26
N SER A 77 -2.01 23.92 -3.54
CA SER A 77 -0.90 23.01 -3.20
C SER A 77 -0.41 23.23 -1.75
N ALA A 78 -1.36 23.28 -0.83
CA ALA A 78 -1.06 23.57 0.56
C ALA A 78 -1.61 22.47 1.43
N ALA A 79 -0.86 22.13 2.46
CA ALA A 79 -1.28 21.18 3.48
C ALA A 79 -1.36 21.98 4.78
N TYR A 80 -2.36 21.74 5.62
CA TYR A 80 -2.48 22.45 6.90
C TYR A 80 -2.50 21.49 8.07
N LEU A 81 -1.98 21.97 9.19
CA LEU A 81 -2.05 21.26 10.45
C LEU A 81 -2.77 22.17 11.43
N GLN A 82 -3.87 21.69 11.97
CA GLN A 82 -4.59 22.41 13.00
C GLN A 82 -4.43 21.69 14.32
N ILE A 83 -4.10 22.45 15.36
CA ILE A 83 -4.05 21.92 16.70
C ILE A 83 -5.11 22.67 17.49
N ASN A 84 -6.05 21.89 18.03
CA ASN A 84 -7.16 22.44 18.79
C ASN A 84 -6.93 22.28 20.30
N ASN A 85 -7.63 23.06 21.09
CA ASN A 85 -7.51 22.98 22.55
C ASN A 85 -6.03 22.90 22.95
N LEU A 86 -5.27 23.91 22.55
CA LEU A 86 -3.80 23.96 22.77
C LEU A 86 -3.39 23.75 24.22
N LYS A 87 -2.34 22.94 24.42
CA LYS A 87 -1.79 22.67 25.76
C LYS A 87 -0.34 23.13 25.77
N ASN A 88 0.18 23.35 26.97
CA ASN A 88 1.60 23.75 27.11
C ASN A 88 2.54 22.78 26.41
N GLU A 89 2.24 21.48 26.51
CA GLU A 89 2.97 20.42 25.82
C GLU A 89 3.02 20.57 24.29
N ASP A 90 2.13 21.38 23.70
CA ASP A 90 2.13 21.61 22.24
C ASP A 90 3.20 22.61 21.77
N THR A 91 3.83 23.30 22.72
CA THR A 91 4.95 24.20 22.45
C THR A 91 6.09 23.42 21.78
N ALA A 92 6.34 23.72 20.50
CA ALA A 92 7.25 22.94 19.67
C ALA A 92 7.40 23.61 18.31
N THR A 93 8.37 23.10 17.54
CA THR A 93 8.46 23.39 16.12
C THR A 93 7.84 22.24 15.36
N TYR A 94 6.92 22.58 14.46
CA TYR A 94 6.24 21.63 13.62
C TYR A 94 6.76 21.73 12.20
N PHE A 95 7.14 20.58 11.63
CA PHE A 95 7.64 20.50 10.25
C PHE A 95 6.64 19.74 9.40
N CYS A 96 6.43 20.21 8.18
CA CYS A 96 5.86 19.36 7.15
C CYS A 96 7.04 18.75 6.39
N ALA A 97 6.87 17.54 5.89
CA ALA A 97 7.92 16.82 5.22
C ALA A 97 7.26 15.91 4.22
N ARG A 98 7.72 16.00 2.97
CA ARG A 98 7.15 15.22 1.89
C ARG A 98 7.61 13.75 1.90
N ASP A 99 6.73 12.81 1.53
CA ASP A 99 7.10 11.42 1.27
C ASP A 99 8.23 11.30 0.25
N TYR A 100 9.18 10.40 0.52
CA TYR A 100 10.19 10.06 -0.46
C TYR A 100 9.88 8.73 -1.12
N TYR A 101 9.78 8.73 -2.46
CA TYR A 101 9.51 7.49 -3.21
C TYR A 101 10.64 7.15 -4.13
N GLY A 102 10.86 5.85 -4.29
CA GLY A 102 11.78 5.36 -5.32
C GLY A 102 11.05 5.36 -6.65
N SER A 103 11.75 4.98 -7.69
CA SER A 103 11.16 5.02 -9.01
C SER A 103 10.02 4.01 -9.07
N THR A 104 10.03 3.04 -8.14
CA THR A 104 9.17 1.87 -8.20
C THR A 104 8.28 1.63 -6.96
N TYR A 105 8.76 2.01 -5.77
CA TYR A 105 8.02 1.83 -4.51
C TYR A 105 8.34 2.94 -3.51
N PRO A 106 7.44 3.16 -2.53
CA PRO A 106 7.74 4.13 -1.46
C PRO A 106 8.88 3.67 -0.56
N TYR A 107 9.65 4.63 -0.05
CA TYR A 107 10.77 4.33 0.81
C TYR A 107 10.41 4.51 2.27
N TYR A 108 9.24 5.11 2.52
CA TYR A 108 8.82 5.50 3.87
C TYR A 108 9.89 6.36 4.58
N ALA A 109 10.57 7.21 3.78
CA ALA A 109 11.42 8.30 4.25
C ALA A 109 10.75 9.61 3.87
N MET A 110 11.38 10.72 4.24
CA MET A 110 10.86 12.05 3.99
C MET A 110 11.99 12.87 3.38
N ASP A 111 11.82 13.27 2.12
CA ASP A 111 12.92 13.93 1.41
C ASP A 111 12.96 15.45 1.53
N TYR A 112 11.83 16.13 1.34
CA TYR A 112 11.82 17.59 1.48
C TYR A 112 11.07 17.99 2.71
N TRP A 113 11.65 18.96 3.42
CA TRP A 113 11.13 19.47 4.70
C TRP A 113 10.88 20.97 4.63
N GLY A 114 9.78 21.40 5.25
CA GLY A 114 9.52 22.81 5.48
C GLY A 114 10.56 23.35 6.46
N GLN A 115 10.62 24.66 6.62
CA GLN A 115 11.64 25.29 7.49
C GLN A 115 11.22 25.21 8.96
N GLY A 116 10.01 24.71 9.17
CA GLY A 116 9.45 24.59 10.52
C GLY A 116 8.63 25.79 10.94
N THR A 117 7.60 25.52 11.76
CA THR A 117 6.80 26.57 12.38
C THR A 117 6.87 26.38 13.89
N THR A 118 7.31 27.42 14.59
CA THR A 118 7.38 27.43 16.04
C THR A 118 6.05 27.91 16.63
N VAL A 119 5.48 27.09 17.51
CA VAL A 119 4.25 27.40 18.20
C VAL A 119 4.63 27.49 19.68
N THR A 120 4.35 28.63 20.31
CA THR A 120 4.48 28.77 21.75
C THR A 120 3.08 28.84 22.32
N VAL A 121 2.82 27.97 23.30
CA VAL A 121 1.58 27.99 24.04
C VAL A 121 1.92 28.48 25.43
N SER A 122 1.29 29.58 25.83
CA SER A 122 1.62 30.28 27.06
C SER A 122 0.54 31.26 27.45
N SER A 123 0.32 31.38 28.77
CA SER A 123 -0.53 32.40 29.36
C SER A 123 0.24 33.69 29.61
N ALA A 124 1.58 33.62 29.59
CA ALA A 124 2.42 34.80 29.73
C ALA A 124 2.04 35.87 28.70
N LYS A 125 2.10 37.14 29.11
CA LYS A 125 1.76 38.22 28.20
C LYS A 125 3.00 38.61 27.39
N THR A 126 2.76 39.05 26.15
CA THR A 126 3.81 39.53 25.24
C THR A 126 4.50 40.77 25.79
N THR A 127 5.84 40.78 25.72
CA THR A 127 6.69 41.89 26.19
C THR A 127 7.71 42.26 25.11
N ALA A 128 7.75 43.54 24.75
CA ALA A 128 8.68 44.05 23.74
C ALA A 128 10.13 44.05 24.22
N PRO A 129 11.11 43.80 23.32
CA PRO A 129 12.48 43.88 23.84
C PRO A 129 12.95 45.31 24.05
N SER A 130 13.93 45.47 24.92
CA SER A 130 14.72 46.69 25.02
C SER A 130 16.04 46.40 24.36
N VAL A 131 16.42 47.23 23.41
CA VAL A 131 17.59 46.92 22.61
C VAL A 131 18.68 47.92 22.95
N TYR A 132 19.84 47.42 23.36
CA TYR A 132 20.93 48.27 23.86
C TYR A 132 22.21 48.09 23.06
N PRO A 133 22.92 49.20 22.78
CA PRO A 133 24.18 49.12 22.03
C PRO A 133 25.31 48.65 22.94
N LEU A 134 26.22 47.85 22.40
CA LEU A 134 27.39 47.42 23.13
C LEU A 134 28.56 47.91 22.33
N ALA A 135 29.27 48.88 22.90
CA ALA A 135 30.51 49.41 22.32
C ALA A 135 31.59 49.43 23.42
N PRO A 136 32.89 49.29 23.06
CA PRO A 136 33.94 49.37 24.08
C PRO A 136 33.97 50.75 24.73
N VAL A 137 34.30 50.83 26.02
CA VAL A 137 34.36 52.15 26.69
C VAL A 137 35.29 53.08 25.90
N CYS A 138 34.80 54.29 25.59
CA CYS A 138 35.53 55.32 24.83
C CYS A 138 35.97 54.91 23.42
N GLY A 139 35.35 53.86 22.89
CA GLY A 139 35.77 53.25 21.64
C GLY A 139 37.18 52.72 21.70
N ASP A 140 37.63 52.33 22.91
CA ASP A 140 38.97 51.77 23.12
C ASP A 140 39.18 50.59 22.14
N THR A 141 40.22 50.69 21.30
CA THR A 141 40.51 49.67 20.28
C THR A 141 41.13 48.40 20.83
N THR A 142 40.95 47.30 20.08
CA THR A 142 41.46 45.96 20.38
C THR A 142 42.34 45.47 19.22
N GLY A 143 43.39 46.21 18.90
CA GLY A 143 44.24 45.89 17.76
C GLY A 143 43.53 46.10 16.44
N SER A 144 43.63 45.10 15.57
CA SER A 144 43.21 45.23 14.17
C SER A 144 41.69 45.09 13.95
N SER A 145 41.03 44.42 14.89
CA SER A 145 39.58 44.27 14.86
C SER A 145 38.92 44.92 16.06
N VAL A 146 37.66 45.32 15.91
CA VAL A 146 36.85 45.79 17.04
C VAL A 146 35.55 44.98 17.07
N THR A 147 35.18 44.50 18.25
CA THR A 147 33.95 43.76 18.43
C THR A 147 32.90 44.67 19.04
N LEU A 148 31.74 44.72 18.40
CA LEU A 148 30.59 45.49 18.85
C LEU A 148 29.47 44.54 19.17
N GLY A 149 28.39 45.04 19.75
CA GLY A 149 27.28 44.14 20.00
C GLY A 149 25.94 44.81 20.14
N CYS A 150 24.94 43.97 20.31
CA CYS A 150 23.60 44.42 20.49
C CYS A 150 23.00 43.56 21.61
N LEU A 151 22.49 44.18 22.67
CA LEU A 151 21.79 43.42 23.71
C LEU A 151 20.28 43.56 23.56
N VAL A 152 19.59 42.43 23.44
CA VAL A 152 18.15 42.40 23.22
C VAL A 152 17.52 41.78 24.48
N LYS A 153 17.03 42.64 25.37
CA LYS A 153 16.72 42.23 26.73
C LYS A 153 15.25 42.28 27.05
N GLY A 154 14.78 41.27 27.77
CA GLY A 154 13.46 41.30 28.39
C GLY A 154 12.26 41.13 27.47
N TYR A 155 12.30 40.12 26.60
CA TYR A 155 11.18 39.92 25.71
C TYR A 155 10.53 38.54 25.87
N PHE A 156 9.25 38.49 25.50
CA PHE A 156 8.50 37.25 25.38
C PHE A 156 7.39 37.50 24.37
N PRO A 157 7.09 36.51 23.49
CA PRO A 157 7.73 35.20 23.33
C PRO A 157 8.91 35.30 22.37
N GLU A 158 9.61 34.19 22.18
CA GLU A 158 10.48 33.94 21.04
C GLU A 158 9.60 33.92 19.76
N PRO A 159 10.17 34.27 18.58
CA PRO A 159 11.51 34.71 18.31
C PRO A 159 11.64 36.22 18.18
N VAL A 160 12.88 36.68 18.09
CA VAL A 160 13.19 37.99 17.56
C VAL A 160 14.00 37.74 16.29
N THR A 161 14.05 38.71 15.38
CA THR A 161 15.05 38.65 14.31
C THR A 161 16.05 39.76 14.52
N LEU A 162 17.32 39.44 14.41
CA LEU A 162 18.35 40.43 14.57
C LEU A 162 19.26 40.35 13.36
N THR A 163 19.51 41.50 12.74
CA THR A 163 20.52 41.58 11.69
C THR A 163 21.41 42.78 11.93
N TRP A 164 22.51 42.85 11.18
CA TRP A 164 23.44 43.98 11.24
C TRP A 164 23.48 44.66 9.87
N ASN A 165 23.27 45.97 9.85
CA ASN A 165 23.16 46.73 8.61
C ASN A 165 22.25 46.07 7.57
N SER A 166 21.01 45.79 7.99
CA SER A 166 19.97 45.13 7.17
C SER A 166 20.32 43.69 6.79
N GLY A 167 21.38 43.16 7.39
CA GLY A 167 21.91 41.85 7.03
C GLY A 167 23.01 41.91 5.98
N SER A 168 23.41 43.11 5.58
CA SER A 168 24.52 43.26 4.65
C SER A 168 25.85 43.05 5.37
N LEU A 169 25.82 43.09 6.69
CA LEU A 169 26.97 42.77 7.52
C LEU A 169 26.68 41.40 8.14
N SER A 170 27.33 40.36 7.63
CA SER A 170 26.98 38.99 8.03
C SER A 170 28.19 38.15 8.45
N SER A 171 29.36 38.50 7.91
CA SER A 171 30.62 37.86 8.29
C SER A 171 30.99 38.25 9.72
N GLY A 172 31.58 37.34 10.48
CA GLY A 172 32.07 37.70 11.84
C GLY A 172 30.97 38.07 12.84
N VAL A 173 29.80 37.47 12.65
CA VAL A 173 28.68 37.68 13.55
C VAL A 173 28.46 36.46 14.44
N HIS A 174 28.27 36.68 15.73
CA HIS A 174 27.73 35.66 16.62
C HIS A 174 26.44 36.11 17.24
N THR A 175 25.32 35.52 16.82
CA THR A 175 24.06 35.78 17.49
C THR A 175 23.82 34.63 18.45
N PHE A 176 23.71 34.96 19.73
CA PHE A 176 23.66 33.97 20.80
C PHE A 176 22.23 33.53 21.06
N PRO A 177 22.04 32.22 21.28
CA PRO A 177 20.76 31.64 21.69
C PRO A 177 20.16 32.38 22.89
N ALA A 178 18.85 32.63 22.83
CA ALA A 178 18.19 33.38 23.87
C ALA A 178 18.12 32.52 25.14
N VAL A 179 18.13 33.19 26.30
CA VAL A 179 18.04 32.52 27.60
C VAL A 179 16.84 33.09 28.37
N LEU A 180 16.05 32.19 28.96
CA LEU A 180 14.83 32.55 29.70
C LEU A 180 15.12 32.90 31.17
N GLN A 181 14.64 34.07 31.61
CA GLN A 181 14.80 34.57 32.97
C GLN A 181 13.54 35.33 33.44
N SER A 182 12.95 34.88 34.56
CA SER A 182 11.79 35.54 35.16
C SER A 182 10.67 35.85 34.15
N ASP A 183 10.28 34.83 33.37
CA ASP A 183 9.27 34.94 32.32
C ASP A 183 9.75 35.66 31.04
N LEU A 184 11.02 36.06 30.97
CA LEU A 184 11.50 36.87 29.83
C LEU A 184 12.80 36.38 29.20
N TYR A 185 12.90 36.50 27.89
CA TYR A 185 14.12 36.11 27.17
C TYR A 185 15.06 37.29 26.98
N THR A 186 16.34 36.97 26.92
CA THR A 186 17.39 37.93 26.57
C THR A 186 18.32 37.29 25.55
N LEU A 187 18.70 38.07 24.56
CA LEU A 187 19.56 37.60 23.48
C LEU A 187 20.63 38.64 23.24
N SER A 188 21.80 38.21 22.75
CA SER A 188 22.81 39.18 22.34
C SER A 188 23.42 38.73 21.04
N SER A 189 24.04 39.67 20.36
CA SER A 189 24.73 39.37 19.14
C SER A 189 25.99 40.17 19.16
N SER A 190 27.06 39.58 18.65
CA SER A 190 28.33 40.30 18.51
C SER A 190 28.66 40.40 17.03
N VAL A 191 29.24 41.52 16.62
CA VAL A 191 29.79 41.65 15.28
C VAL A 191 31.22 42.19 15.41
N THR A 192 32.12 41.61 14.62
CA THR A 192 33.54 41.96 14.68
C THR A 192 33.95 42.44 13.29
N VAL A 193 34.56 43.63 13.23
CA VAL A 193 34.89 44.28 11.98
C VAL A 193 36.31 44.83 12.05
N THR A 194 36.88 45.11 10.88
CA THR A 194 38.17 45.77 10.83
C THR A 194 38.08 47.07 11.62
N SER A 195 39.07 47.31 12.49
CA SER A 195 39.07 48.45 13.37
C SER A 195 38.98 49.79 12.65
N SER A 196 39.60 49.89 11.47
CA SER A 196 39.60 51.14 10.73
C SER A 196 38.20 51.54 10.24
N THR A 197 37.32 50.55 10.08
CA THR A 197 36.00 50.75 9.48
C THR A 197 34.96 51.24 10.49
N TRP A 198 35.32 51.31 11.76
CA TRP A 198 34.37 51.76 12.77
C TRP A 198 35.05 52.75 13.74
N PRO A 199 34.41 53.90 14.05
CA PRO A 199 33.04 54.28 13.73
C PRO A 199 32.84 55.04 12.42
N SER A 200 33.88 55.07 11.57
CA SER A 200 33.83 55.79 10.28
C SER A 200 32.69 55.25 9.40
N GLN A 201 32.58 53.92 9.35
CA GLN A 201 31.50 53.28 8.62
C GLN A 201 30.54 52.78 9.69
N SER A 202 29.29 53.20 9.58
CA SER A 202 28.30 52.93 10.63
C SER A 202 27.90 51.45 10.72
N ILE A 203 27.64 51.01 11.96
CA ILE A 203 27.16 49.67 12.26
C ILE A 203 25.89 49.83 13.10
N THR A 204 24.81 49.17 12.67
CA THR A 204 23.52 49.29 13.31
C THR A 204 22.90 47.90 13.45
N CYS A 205 22.40 47.55 14.64
CA CYS A 205 21.67 46.28 14.72
C CYS A 205 20.17 46.51 14.52
N ASN A 206 19.56 45.63 13.74
CA ASN A 206 18.15 45.72 13.44
C ASN A 206 17.43 44.60 14.17
N VAL A 207 16.46 44.96 14.99
CA VAL A 207 15.80 43.95 15.79
C VAL A 207 14.30 44.04 15.56
N ALA A 208 13.70 42.94 15.13
CA ALA A 208 12.24 42.87 15.03
C ALA A 208 11.68 41.89 16.04
N HIS A 209 10.61 42.27 16.72
CA HIS A 209 9.86 41.34 17.54
C HIS A 209 8.37 41.44 17.15
N PRO A 210 7.96 40.64 16.16
CA PRO A 210 6.62 40.67 15.55
C PRO A 210 5.50 40.51 16.56
N ALA A 211 5.71 39.67 17.58
CA ALA A 211 4.69 39.40 18.60
C ALA A 211 4.21 40.66 19.31
N SER A 212 5.12 41.60 19.49
CA SER A 212 4.82 42.88 20.14
C SER A 212 4.77 44.08 19.18
N SER A 213 4.84 43.80 17.87
CA SER A 213 4.83 44.83 16.82
C SER A 213 5.96 45.87 17.04
N THR A 214 7.13 45.37 17.40
CA THR A 214 8.29 46.20 17.67
C THR A 214 9.37 45.97 16.62
N LYS A 215 9.94 47.08 16.19
CA LYS A 215 10.94 47.08 15.18
C LYS A 215 11.79 48.27 15.53
N VAL A 216 13.03 48.00 15.91
CA VAL A 216 13.92 49.05 16.37
C VAL A 216 15.28 48.87 15.71
N ASP A 217 16.03 49.96 15.64
CA ASP A 217 17.38 49.92 15.10
C ASP A 217 18.26 50.71 16.04
N LYS A 218 19.40 50.14 16.40
CA LYS A 218 20.34 50.81 17.26
C LYS A 218 21.68 50.96 16.54
N LYS A 219 22.02 52.19 16.20
CA LYS A 219 23.37 52.54 15.72
C LYS A 219 24.37 52.49 16.87
N ILE A 220 25.47 51.77 16.67
CA ILE A 220 26.49 51.63 17.71
C ILE A 220 27.49 52.78 17.58
N GLU A 221 27.60 53.59 18.63
CA GLU A 221 28.55 54.71 18.66
C GLU A 221 29.44 54.58 19.89
N PRO A 222 30.70 55.09 19.84
CA PRO A 222 31.50 55.08 21.05
C PRO A 222 31.01 56.14 22.05
N ARG A 223 31.07 55.83 23.34
CA ARG A 223 30.69 56.76 24.40
C ARG A 223 31.76 56.78 25.50
N GLY A 224 31.88 57.92 26.16
CA GLY A 224 32.99 58.18 27.06
C GLY A 224 32.85 57.59 28.44
N GLY A 225 33.81 57.97 29.29
CA GLY A 225 33.95 57.56 30.70
C GLY A 225 33.51 56.15 31.01
N GLU B 1 4.72 0.60 19.19
CA GLU B 1 5.55 1.11 18.08
C GLU B 1 7.00 0.63 18.20
N ASN B 2 7.78 0.78 17.11
CA ASN B 2 9.16 0.25 17.06
C ASN B 2 10.17 1.30 17.47
N VAL B 3 10.55 1.26 18.75
CA VAL B 3 11.37 2.31 19.37
C VAL B 3 12.84 2.17 18.98
N LEU B 4 13.44 3.26 18.49
CA LEU B 4 14.84 3.27 18.09
C LEU B 4 15.72 3.94 19.15
N THR B 5 16.85 3.29 19.45
CA THR B 5 17.78 3.78 20.45
C THR B 5 19.11 4.02 19.74
N GLN B 6 19.62 5.25 19.84
CA GLN B 6 20.84 5.61 19.18
C GLN B 6 21.98 5.68 20.18
N SER B 7 23.17 5.28 19.73
CA SER B 7 24.36 5.29 20.56
C SER B 7 25.58 5.75 19.73
N PRO B 8 26.49 6.56 20.32
CA PRO B 8 26.40 7.22 21.63
C PRO B 8 25.59 8.50 21.47
N ALA B 9 25.00 8.98 22.56
CA ALA B 9 24.19 10.18 22.51
C ALA B 9 25.02 11.38 22.02
N ILE B 10 26.27 11.43 22.47
CA ILE B 10 27.23 12.46 22.04
C ILE B 10 28.52 11.77 21.64
N MET B 11 28.96 12.10 20.42
CA MET B 11 30.23 11.63 19.86
C MET B 11 31.19 12.80 19.59
N SER B 12 32.46 12.66 19.97
CA SER B 12 33.47 13.66 19.68
C SER B 12 34.54 13.07 18.74
N ALA B 13 34.91 13.78 17.67
CA ALA B 13 35.91 13.27 16.73
C ALA B 13 36.77 14.37 16.09
N SER B 14 38.09 14.14 15.96
CA SER B 14 38.93 15.08 15.21
C SER B 14 38.80 14.90 13.70
N PRO B 15 38.94 16.00 12.91
CA PRO B 15 38.73 15.84 11.48
C PRO B 15 39.72 14.85 10.86
N GLY B 16 39.24 14.08 9.89
CA GLY B 16 40.04 12.99 9.32
C GLY B 16 39.75 11.66 9.97
N GLU B 17 39.27 11.68 11.22
CA GLU B 17 38.91 10.43 11.95
C GLU B 17 37.72 9.67 11.33
N LYS B 18 37.78 8.34 11.39
CA LYS B 18 36.70 7.47 10.94
C LYS B 18 35.85 7.06 12.15
N VAL B 19 34.57 7.41 12.12
CA VAL B 19 33.70 7.12 13.26
C VAL B 19 32.40 6.42 12.84
N THR B 20 31.79 5.71 13.79
CA THR B 20 30.55 4.95 13.57
C THR B 20 29.58 5.11 14.75
N MET B 21 28.34 5.47 14.45
CA MET B 21 27.28 5.62 15.43
C MET B 21 26.24 4.57 15.12
N THR B 22 25.46 4.17 16.11
CA THR B 22 24.56 3.04 15.95
C THR B 22 23.11 3.42 16.15
N CYS B 23 22.25 2.60 15.57
CA CYS B 23 20.82 2.72 15.74
C CYS B 23 20.32 1.30 16.02
N ARG B 24 19.70 1.12 17.19
CA ARG B 24 19.15 -0.19 17.55
C ARG B 24 17.63 -0.12 17.67
N ALA B 25 16.96 -1.06 17.01
CA ALA B 25 15.50 -1.12 17.00
C ALA B 25 14.98 -2.19 17.96
N SER B 26 13.72 -2.02 18.40
CA SER B 26 13.08 -2.96 19.30
C SER B 26 12.80 -4.25 18.54
N SER B 27 12.39 -4.12 17.29
CA SER B 27 12.04 -5.23 16.40
C SER B 27 12.62 -5.02 15.02
N SER B 28 12.74 -6.10 14.26
CA SER B 28 13.41 -6.05 12.95
C SER B 28 12.79 -4.99 12.04
N VAL B 29 13.64 -4.23 11.37
CA VAL B 29 13.24 -3.23 10.38
C VAL B 29 13.81 -3.72 9.04
N SER B 30 13.05 -3.59 7.96
CA SER B 30 13.59 -3.86 6.63
C SER B 30 14.72 -2.88 6.31
N SER B 31 15.80 -3.38 5.68
CA SER B 31 16.90 -2.50 5.26
C SER B 31 16.40 -1.43 4.25
N SER B 32 15.28 -1.70 3.61
CA SER B 32 14.67 -0.71 2.71
C SER B 32 14.13 0.52 3.46
N TYR B 33 13.82 0.37 4.76
CA TYR B 33 12.96 1.33 5.49
C TYR B 33 13.63 1.90 6.73
N LEU B 34 14.95 1.87 6.74
CA LEU B 34 15.74 2.43 7.82
C LEU B 34 16.52 3.56 7.18
N HIS B 35 16.31 4.78 7.67
CA HIS B 35 16.89 5.98 7.10
C HIS B 35 17.61 6.83 8.15
N TRP B 36 18.41 7.77 7.67
CA TRP B 36 19.18 8.68 8.54
C TRP B 36 18.96 10.11 8.07
N TYR B 37 18.84 11.01 9.07
CA TYR B 37 18.75 12.44 8.87
C TYR B 37 19.86 13.18 9.60
N GLN B 38 20.30 14.30 9.02
CA GLN B 38 21.20 15.22 9.67
C GLN B 38 20.46 16.49 9.99
N GLN B 39 20.55 16.93 11.23
CA GLN B 39 20.01 18.22 11.61
C GLN B 39 21.07 19.10 12.25
N LYS B 40 21.22 20.30 11.70
CA LYS B 40 22.10 21.31 12.32
C LYS B 40 21.32 22.39 13.02
N SER B 41 22.00 23.03 13.97
CA SER B 41 21.56 24.19 14.74
C SER B 41 20.67 25.14 13.97
N GLY B 42 19.40 25.17 14.41
CA GLY B 42 18.41 26.13 13.90
C GLY B 42 17.84 25.83 12.52
N ALA B 43 17.97 24.58 12.06
CA ALA B 43 17.53 24.20 10.72
C ALA B 43 16.69 22.92 10.67
N SER B 44 16.00 22.74 9.55
CA SER B 44 15.25 21.54 9.22
C SER B 44 16.17 20.32 9.10
N PRO B 45 15.68 19.14 9.52
CA PRO B 45 16.45 17.94 9.20
C PRO B 45 16.52 17.76 7.70
N LYS B 46 17.61 17.16 7.24
CA LYS B 46 17.79 16.83 5.84
C LYS B 46 17.99 15.32 5.75
N LEU B 47 17.26 14.67 4.84
CA LEU B 47 17.51 13.26 4.55
C LEU B 47 18.96 13.11 4.10
N TRP B 48 19.62 12.14 4.70
CA TRP B 48 21.05 11.99 4.55
C TRP B 48 21.33 10.65 3.92
N ILE B 49 20.91 9.58 4.60
CA ILE B 49 21.01 8.22 4.09
C ILE B 49 19.63 7.57 4.08
N TYR B 50 19.28 6.94 2.96
CA TYR B 50 17.98 6.26 2.84
C TYR B 50 18.09 4.77 2.49
N SER B 51 17.14 3.97 2.95
CA SER B 51 17.19 2.53 2.75
C SER B 51 18.57 1.96 3.10
N THR B 52 18.98 2.25 4.33
CA THR B 52 20.21 1.73 4.97
C THR B 52 21.57 2.33 4.53
N SER B 53 21.80 2.41 3.22
CA SER B 53 23.13 2.70 2.72
C SER B 53 23.21 3.58 1.49
N ASN B 54 22.08 4.14 1.03
CA ASN B 54 22.09 5.01 -0.15
C ASN B 54 22.22 6.46 0.27
N LEU B 55 23.17 7.19 -0.34
CA LEU B 55 23.39 8.58 0.06
C LEU B 55 22.36 9.44 -0.66
N ALA B 56 21.69 10.33 0.08
CA ALA B 56 20.81 11.33 -0.54
C ALA B 56 21.63 12.32 -1.38
N SER B 57 20.96 13.09 -2.23
CA SER B 57 21.67 13.98 -3.16
C SER B 57 22.44 15.06 -2.43
N GLY B 58 23.71 15.24 -2.82
CA GLY B 58 24.54 16.27 -2.20
C GLY B 58 25.29 15.84 -0.94
N VAL B 59 25.03 14.61 -0.50
CA VAL B 59 25.68 14.02 0.67
C VAL B 59 27.04 13.52 0.23
N PRO B 60 28.11 13.89 0.98
CA PRO B 60 29.48 13.55 0.59
C PRO B 60 29.73 12.05 0.64
N ALA B 61 30.61 11.58 -0.22
CA ALA B 61 30.97 10.17 -0.31
C ALA B 61 31.65 9.61 0.96
N ARG B 62 32.03 10.48 1.89
CA ARG B 62 32.65 10.00 3.13
C ARG B 62 31.65 9.35 4.10
N PHE B 63 30.35 9.52 3.82
CA PHE B 63 29.33 8.90 4.62
C PHE B 63 28.94 7.56 4.02
N SER B 64 28.59 6.64 4.91
CA SER B 64 28.04 5.33 4.55
C SER B 64 27.16 4.84 5.68
N GLY B 65 26.37 3.81 5.38
CA GLY B 65 25.57 3.13 6.37
C GLY B 65 25.50 1.66 6.03
N SER B 66 25.34 0.85 7.09
CA SER B 66 25.14 -0.58 6.95
C SER B 66 24.19 -1.03 8.04
N GLY B 67 23.87 -2.32 8.03
CA GLY B 67 23.07 -2.90 9.10
C GLY B 67 21.92 -3.72 8.55
N SER B 68 21.24 -4.40 9.46
CA SER B 68 20.17 -5.31 9.12
C SER B 68 19.48 -5.70 10.41
N GLY B 69 18.26 -6.21 10.31
CA GLY B 69 17.54 -6.66 11.49
C GLY B 69 17.19 -5.54 12.47
N THR B 70 17.76 -5.63 13.67
CA THR B 70 17.56 -4.57 14.67
C THR B 70 18.80 -3.67 14.89
N SER B 71 19.86 -3.85 14.08
CA SER B 71 21.13 -3.13 14.30
C SER B 71 21.68 -2.45 13.07
N TYR B 72 21.78 -1.12 13.15
CA TYR B 72 22.17 -0.29 12.02
C TYR B 72 23.24 0.69 12.42
N SER B 73 24.01 1.16 11.45
CA SER B 73 25.04 2.13 11.76
C SER B 73 25.27 3.12 10.65
N LEU B 74 25.79 4.29 11.01
CA LEU B 74 26.21 5.29 10.03
C LEU B 74 27.70 5.49 10.28
N THR B 75 28.48 5.43 9.21
CA THR B 75 29.93 5.69 9.33
C THR B 75 30.37 6.90 8.54
N ILE B 76 31.29 7.67 9.13
CA ILE B 76 31.96 8.76 8.45
C ILE B 76 33.40 8.35 8.26
N SER B 77 33.79 8.15 6.99
CA SER B 77 35.14 7.68 6.64
C SER B 77 36.22 8.63 7.07
N SER B 78 35.94 9.93 6.96
CA SER B 78 36.92 10.97 7.30
C SER B 78 36.18 12.22 7.76
N VAL B 79 36.05 12.42 9.07
CA VAL B 79 35.22 13.49 9.63
C VAL B 79 35.69 14.86 9.13
N GLU B 80 34.75 15.74 8.82
CA GLU B 80 35.05 17.12 8.46
C GLU B 80 34.32 18.11 9.37
N ALA B 81 34.82 19.35 9.43
CA ALA B 81 34.20 20.37 10.29
C ALA B 81 32.70 20.53 10.02
N GLU B 82 32.30 20.39 8.74
CA GLU B 82 30.90 20.60 8.30
C GLU B 82 29.94 19.49 8.76
N ASP B 83 30.50 18.40 9.29
CA ASP B 83 29.69 17.30 9.82
C ASP B 83 29.12 17.52 11.22
N ALA B 84 29.58 18.55 11.92
CA ALA B 84 29.01 18.90 13.22
C ALA B 84 27.51 19.04 13.05
N ALA B 85 26.76 18.12 13.66
CA ALA B 85 25.31 18.07 13.49
C ALA B 85 24.75 17.06 14.47
N THR B 86 23.43 16.98 14.54
CA THR B 86 22.82 15.81 15.17
C THR B 86 22.28 14.89 14.09
N TYR B 87 22.56 13.60 14.23
CA TYR B 87 22.12 12.57 13.28
C TYR B 87 21.02 11.73 13.88
N TYR B 88 19.87 11.65 13.20
CA TYR B 88 18.75 10.82 13.68
C TYR B 88 18.47 9.68 12.73
N CYS B 89 18.29 8.48 13.27
CA CYS B 89 17.80 7.37 12.47
C CYS B 89 16.26 7.38 12.50
N GLN B 90 15.67 6.76 11.50
CA GLN B 90 14.20 6.70 11.41
C GLN B 90 13.83 5.39 10.72
N GLN B 91 12.77 4.76 11.23
CA GLN B 91 12.30 3.51 10.66
C GLN B 91 10.81 3.57 10.32
N TYR B 92 10.46 2.68 9.41
CA TYR B 92 9.11 2.23 9.20
C TYR B 92 9.07 0.70 9.25
N SER B 93 8.05 0.17 9.90
CA SER B 93 7.82 -1.28 9.97
C SER B 93 6.33 -1.48 10.22
N GLY B 94 5.54 -0.78 9.41
CA GLY B 94 4.19 -0.46 9.81
C GLY B 94 4.33 0.87 10.52
N TYR B 95 3.19 1.53 10.72
CA TYR B 95 3.12 2.83 11.37
C TYR B 95 3.11 2.66 12.87
N PRO B 96 3.59 3.68 13.62
CA PRO B 96 4.16 4.95 13.18
C PRO B 96 5.64 4.88 12.82
N TYR B 97 6.07 5.81 11.95
CA TYR B 97 7.49 6.17 11.87
C TYR B 97 7.97 6.51 13.26
N THR B 98 9.16 6.04 13.60
CA THR B 98 9.80 6.49 14.81
C THR B 98 11.19 6.98 14.44
N PHE B 99 11.70 7.84 15.29
CA PHE B 99 13.06 8.37 15.19
C PHE B 99 13.83 7.93 16.41
N GLY B 100 15.12 7.67 16.23
CA GLY B 100 16.01 7.55 17.38
C GLY B 100 16.22 8.90 18.08
N GLY B 101 16.83 8.86 19.27
CA GLY B 101 17.01 10.08 20.07
C GLY B 101 18.11 11.01 19.59
N GLY B 102 18.91 10.55 18.63
CA GLY B 102 19.93 11.38 18.00
C GLY B 102 21.31 11.13 18.59
N THR B 103 22.33 11.25 17.73
CA THR B 103 23.74 11.30 18.12
C THR B 103 24.25 12.67 17.70
N LYS B 104 24.70 13.46 18.67
CA LYS B 104 25.34 14.75 18.40
C LYS B 104 26.82 14.53 18.13
N LEU B 105 27.26 14.93 16.93
CA LEU B 105 28.66 14.83 16.55
C LEU B 105 29.35 16.17 16.81
N GLU B 106 30.32 16.15 17.73
CA GLU B 106 31.20 17.28 17.96
C GLU B 106 32.53 17.05 17.30
N ILE B 107 33.02 18.10 16.67
CA ILE B 107 34.31 18.05 15.99
C ILE B 107 35.42 18.56 16.95
N LYS B 108 36.48 17.79 17.10
CA LYS B 108 37.62 18.23 17.89
C LYS B 108 38.56 19.00 16.98
N ARG B 109 39.21 20.00 17.55
CA ARG B 109 40.18 20.81 16.83
C ARG B 109 41.25 21.25 17.81
N ALA B 110 42.22 22.03 17.32
CA ALA B 110 43.25 22.59 18.18
C ALA B 110 42.64 23.53 19.22
N ASP B 111 43.24 23.56 20.40
CA ASP B 111 42.82 24.54 21.40
C ASP B 111 42.82 25.92 20.77
N ALA B 112 41.86 26.73 21.15
CA ALA B 112 41.82 28.11 20.72
C ALA B 112 41.35 28.99 21.89
N ALA B 113 42.11 30.04 22.17
CA ALA B 113 41.77 30.97 23.22
C ALA B 113 40.68 31.92 22.71
N PRO B 114 39.69 32.24 23.57
CA PRO B 114 38.64 33.16 23.13
C PRO B 114 39.16 34.57 22.88
N THR B 115 38.56 35.23 21.90
CA THR B 115 38.65 36.69 21.83
C THR B 115 37.61 37.28 22.79
N VAL B 116 38.09 37.89 23.86
CA VAL B 116 37.25 38.41 24.93
C VAL B 116 37.03 39.93 24.76
N SER B 117 35.79 40.35 24.85
CA SER B 117 35.40 41.74 24.74
C SER B 117 34.45 42.06 25.89
N ILE B 118 34.70 43.17 26.60
CA ILE B 118 33.82 43.60 27.69
C ILE B 118 33.13 44.93 27.34
N PHE B 119 31.86 45.07 27.73
CA PHE B 119 31.06 46.22 27.36
C PHE B 119 30.34 46.79 28.57
N PRO B 120 30.45 48.11 28.81
CA PRO B 120 29.66 48.68 29.90
C PRO B 120 28.18 48.76 29.52
N PRO B 121 27.32 48.94 30.54
CA PRO B 121 25.91 49.26 30.27
C PRO B 121 25.79 50.53 29.43
N SER B 122 24.75 50.58 28.60
CA SER B 122 24.41 51.78 27.88
C SER B 122 23.74 52.80 28.79
N SER B 123 23.93 54.08 28.48
CA SER B 123 23.25 55.15 29.20
C SER B 123 21.75 54.98 29.06
N GLU B 124 21.31 54.41 27.94
CA GLU B 124 19.90 54.15 27.72
C GLU B 124 19.35 53.21 28.79
N GLN B 125 20.06 52.11 29.03
CA GLN B 125 19.66 51.17 30.08
C GLN B 125 19.74 51.78 31.49
N LEU B 126 20.83 52.49 31.77
CA LEU B 126 21.06 53.05 33.10
C LEU B 126 19.96 54.03 33.48
N THR B 127 19.50 54.80 32.49
CA THR B 127 18.44 55.78 32.72
C THR B 127 17.12 55.13 33.08
N SER B 128 16.93 53.88 32.66
CA SER B 128 15.78 53.07 33.08
C SER B 128 16.06 52.21 34.29
N GLY B 129 17.22 52.37 34.93
CA GLY B 129 17.49 51.75 36.25
C GLY B 129 18.20 50.40 36.23
N GLY B 130 18.65 49.96 35.06
CA GLY B 130 19.25 48.63 34.93
C GLY B 130 20.70 48.77 34.51
N ALA B 131 21.52 47.76 34.80
CA ALA B 131 22.90 47.78 34.33
C ALA B 131 23.36 46.39 33.92
N SER B 132 23.33 46.12 32.62
CA SER B 132 23.82 44.85 32.09
C SER B 132 25.26 45.04 31.62
N VAL B 133 26.18 44.31 32.25
CA VAL B 133 27.56 44.33 31.79
C VAL B 133 27.77 43.06 30.98
N VAL B 134 28.23 43.22 29.73
CA VAL B 134 28.33 42.09 28.79
C VAL B 134 29.78 41.75 28.45
N CYS B 135 30.07 40.46 28.40
CA CYS B 135 31.36 39.94 27.98
C CYS B 135 31.14 38.90 26.85
N PHE B 136 31.75 39.11 25.68
CA PHE B 136 31.73 38.07 24.65
C PHE B 136 33.06 37.33 24.70
N LEU B 137 32.97 36.01 24.52
CA LEU B 137 34.13 35.14 24.49
C LEU B 137 34.00 34.37 23.20
N ASN B 138 34.67 34.88 22.17
CA ASN B 138 34.42 34.42 20.82
C ASN B 138 35.46 33.50 20.25
N ASN B 139 34.98 32.44 19.57
CA ASN B 139 35.80 31.55 18.78
C ASN B 139 36.85 30.81 19.58
N PHE B 140 36.39 30.04 20.55
CA PHE B 140 37.28 29.28 21.40
C PHE B 140 36.99 27.80 21.29
N TYR B 141 37.90 27.00 21.81
CA TYR B 141 37.80 25.54 21.85
C TYR B 141 38.80 25.02 22.91
N PRO B 142 38.40 24.02 23.74
CA PRO B 142 37.13 23.29 23.79
C PRO B 142 35.97 24.10 24.37
N LYS B 143 34.77 23.50 24.37
CA LYS B 143 33.56 24.25 24.74
C LYS B 143 33.52 24.55 26.22
N ASP B 144 34.10 23.66 27.02
CA ASP B 144 34.27 23.87 28.46
C ASP B 144 35.14 25.08 28.85
N ILE B 145 34.50 26.24 28.98
CA ILE B 145 35.16 27.45 29.44
C ILE B 145 34.33 28.06 30.60
N ASN B 146 35.02 28.61 31.60
CA ASN B 146 34.37 29.27 32.76
C ASN B 146 34.55 30.80 32.76
N VAL B 147 33.46 31.56 32.94
CA VAL B 147 33.54 33.01 33.10
C VAL B 147 33.42 33.39 34.57
N LYS B 148 34.35 34.21 35.03
CA LYS B 148 34.30 34.79 36.35
C LYS B 148 34.17 36.32 36.22
N TRP B 149 33.21 36.88 36.97
CA TRP B 149 32.98 38.31 37.03
C TRP B 149 33.55 38.88 38.33
N LYS B 150 34.23 40.01 38.21
CA LYS B 150 34.76 40.71 39.38
C LYS B 150 34.32 42.15 39.32
N ILE B 151 33.87 42.65 40.49
CA ILE B 151 33.43 44.04 40.65
C ILE B 151 34.34 44.60 41.73
N ASP B 152 35.01 45.68 41.42
CA ASP B 152 36.00 46.26 42.32
C ASP B 152 37.02 45.24 42.79
N GLY B 153 37.33 44.30 41.91
CA GLY B 153 38.38 43.30 42.15
C GLY B 153 37.86 42.10 42.91
N SER B 154 36.57 42.10 43.20
CA SER B 154 35.94 41.07 44.03
C SER B 154 34.92 40.24 43.25
N GLU B 155 35.05 38.93 43.37
CA GLU B 155 34.23 37.97 42.63
C GLU B 155 32.75 38.11 42.94
N ARG B 156 31.92 37.97 41.91
CA ARG B 156 30.47 38.11 41.99
C ARG B 156 29.81 36.96 41.21
N GLN B 157 29.00 36.12 41.87
CA GLN B 157 28.34 34.99 41.16
C GLN B 157 26.87 35.21 40.73
N ASN B 158 26.08 35.93 41.54
CA ASN B 158 24.66 36.16 41.24
C ASN B 158 24.40 37.24 40.19
N GLY B 159 23.38 37.01 39.38
CA GLY B 159 22.97 37.98 38.37
C GLY B 159 23.61 37.76 37.02
N VAL B 160 24.24 36.59 36.85
CA VAL B 160 24.99 36.27 35.62
C VAL B 160 24.19 35.31 34.74
N LEU B 161 23.96 35.68 33.47
CA LEU B 161 23.32 34.77 32.51
C LEU B 161 24.28 34.46 31.34
N ASN B 162 24.41 33.18 30.99
CA ASN B 162 25.35 32.70 29.96
C ASN B 162 24.68 32.00 28.76
N SER B 163 25.18 32.27 27.56
CA SER B 163 24.67 31.61 26.35
C SER B 163 25.80 31.17 25.44
N TRP B 164 25.69 29.96 24.89
CA TRP B 164 26.71 29.44 24.01
C TRP B 164 26.12 29.26 22.62
N THR B 165 26.88 29.62 21.59
CA THR B 165 26.53 29.24 20.25
C THR B 165 26.71 27.72 20.10
N ASP B 166 26.09 27.16 19.06
CA ASP B 166 26.39 25.80 18.67
C ASP B 166 27.75 25.80 17.95
N GLN B 167 28.34 24.62 17.74
CA GLN B 167 29.67 24.55 17.16
C GLN B 167 29.70 25.15 15.76
N ASP B 168 30.76 25.91 15.47
CA ASP B 168 30.89 26.55 14.17
C ASP B 168 31.16 25.53 13.07
N SER B 169 30.39 25.59 11.98
CA SER B 169 30.49 24.58 10.93
C SER B 169 31.76 24.69 10.07
N LYS B 170 32.39 25.87 10.08
CA LYS B 170 33.65 26.08 9.32
C LYS B 170 34.92 25.90 10.16
N ASP B 171 34.95 26.45 11.38
CA ASP B 171 36.18 26.42 12.18
C ASP B 171 36.11 25.61 13.47
N SER B 172 34.93 25.07 13.77
CA SER B 172 34.73 24.14 14.89
C SER B 172 34.95 24.77 16.27
N THR B 173 34.91 26.10 16.32
CA THR B 173 34.95 26.81 17.59
C THR B 173 33.56 27.00 18.16
N TYR B 174 33.53 27.48 19.41
CA TYR B 174 32.33 27.89 20.09
C TYR B 174 32.51 29.35 20.50
N SER B 175 31.41 30.05 20.66
CA SER B 175 31.42 31.40 21.21
C SER B 175 30.43 31.43 22.35
N MET B 176 30.68 32.30 23.31
CA MET B 176 29.85 32.40 24.49
C MET B 176 29.59 33.87 24.80
N SER B 177 28.39 34.16 25.31
CA SER B 177 28.05 35.49 25.79
C SER B 177 27.80 35.36 27.29
N SER B 178 28.36 36.29 28.06
CA SER B 178 28.07 36.36 29.49
C SER B 178 27.64 37.78 29.87
N THR B 179 26.48 37.87 30.51
CA THR B 179 25.94 39.14 30.93
C THR B 179 25.77 39.16 32.44
N LEU B 180 26.38 40.13 33.09
CA LEU B 180 26.13 40.35 34.49
C LEU B 180 25.15 41.53 34.61
N THR B 181 23.98 41.28 35.23
CA THR B 181 22.95 42.32 35.35
C THR B 181 22.80 42.73 36.79
N LEU B 182 23.02 44.01 37.01
CA LEU B 182 22.92 44.66 38.29
C LEU B 182 21.87 45.71 38.12
N THR B 183 21.44 46.30 39.22
CA THR B 183 20.64 47.51 39.13
C THR B 183 21.64 48.63 38.82
N LYS B 184 21.16 49.67 38.17
CA LYS B 184 21.94 50.90 38.03
C LYS B 184 22.48 51.38 39.37
N ASP B 185 21.65 51.36 40.42
CA ASP B 185 22.09 51.72 41.76
C ASP B 185 23.34 50.94 42.20
N GLU B 186 23.32 49.61 42.05
CA GLU B 186 24.47 48.79 42.45
C GLU B 186 25.67 49.02 41.56
N TYR B 187 25.40 49.17 40.26
CA TYR B 187 26.45 49.47 39.28
C TYR B 187 27.24 50.73 39.67
N GLU B 188 26.53 51.76 40.09
CA GLU B 188 27.20 53.06 40.40
C GLU B 188 27.77 53.15 41.81
N ARG B 189 27.64 52.08 42.59
CA ARG B 189 28.36 51.96 43.86
C ARG B 189 29.80 51.47 43.65
N HIS B 190 30.14 51.06 42.42
CA HIS B 190 31.46 50.48 42.16
C HIS B 190 32.19 51.14 40.98
N ASN B 191 33.47 50.81 40.82
CA ASN B 191 34.24 51.45 39.74
C ASN B 191 34.73 50.53 38.67
N SER B 192 35.29 49.39 39.06
CA SER B 192 35.90 48.49 38.08
C SER B 192 35.11 47.22 37.83
N TYR B 193 35.07 46.79 36.58
CA TYR B 193 34.32 45.59 36.15
C TYR B 193 35.21 44.73 35.29
N THR B 194 35.33 43.47 35.68
CA THR B 194 36.23 42.52 35.03
C THR B 194 35.48 41.23 34.67
N CYS B 195 35.74 40.71 33.48
CA CYS B 195 35.31 39.35 33.13
C CYS B 195 36.58 38.54 32.80
N GLU B 196 36.66 37.34 33.36
CA GLU B 196 37.85 36.49 33.25
C GLU B 196 37.39 35.22 32.63
N ALA B 197 38.08 34.84 31.55
CA ALA B 197 37.82 33.59 30.85
C ALA B 197 38.87 32.61 31.29
N THR B 198 38.43 31.47 31.80
CA THR B 198 39.38 30.43 32.18
C THR B 198 38.94 29.03 31.70
N HIS B 199 39.87 28.31 31.05
CA HIS B 199 39.69 26.88 30.78
C HIS B 199 39.86 26.14 32.10
N LYS B 200 39.09 25.08 32.30
CA LYS B 200 39.12 24.33 33.56
C LYS B 200 40.46 23.62 33.81
N THR B 201 41.21 23.38 32.73
CA THR B 201 42.51 22.71 32.82
C THR B 201 43.71 23.68 32.76
N SER B 202 43.44 24.95 33.08
CA SER B 202 44.46 26.01 33.01
C SER B 202 44.40 26.96 34.21
N THR B 203 45.58 27.41 34.65
CA THR B 203 45.69 28.42 35.71
C THR B 203 45.55 29.84 35.15
N SER B 204 45.81 29.99 33.85
CA SER B 204 45.95 31.30 33.21
C SER B 204 44.70 31.81 32.51
N PRO B 205 44.02 32.79 33.13
CA PRO B 205 42.83 33.33 32.54
C PRO B 205 43.14 34.33 31.42
N ILE B 206 42.10 34.77 30.73
CA ILE B 206 42.16 35.90 29.85
C ILE B 206 41.19 36.93 30.45
N VAL B 207 41.70 38.14 30.69
CA VAL B 207 40.91 39.11 31.43
C VAL B 207 40.66 40.39 30.62
N LYS B 208 39.46 40.94 30.75
CA LYS B 208 39.18 42.24 30.17
C LYS B 208 38.42 42.98 31.22
N SER B 209 38.74 44.27 31.33
CA SER B 209 38.08 45.10 32.30
C SER B 209 37.80 46.49 31.78
N PHE B 210 36.99 47.23 32.52
CA PHE B 210 36.89 48.66 32.31
C PHE B 210 36.60 49.32 33.67
N ASN B 211 36.74 50.64 33.70
CA ASN B 211 36.47 51.47 34.85
C ASN B 211 35.40 52.47 34.49
N ARG B 212 34.56 52.77 35.47
CA ARG B 212 33.51 53.76 35.30
C ARG B 212 34.07 55.20 35.25
N ASN B 213 35.24 55.42 35.82
CA ASN B 213 35.78 56.79 35.97
C ASN B 213 36.76 57.24 34.87
N GLU B 214 37.30 56.29 34.11
CA GLU B 214 38.19 56.65 33.01
C GLU B 214 38.25 55.62 31.90
N CYS B 215 38.70 56.10 30.73
CA CYS B 215 38.94 55.26 29.54
C CYS B 215 40.14 54.34 29.74
N VAL C 4 6.25 6.32 -10.63
CA VAL C 4 5.04 5.43 -10.69
C VAL C 4 4.51 5.15 -9.28
N VAL C 5 4.63 6.15 -8.40
CA VAL C 5 4.13 6.02 -7.02
C VAL C 5 3.26 7.23 -6.67
N ASN C 6 2.02 6.99 -6.23
CA ASN C 6 1.13 8.07 -5.82
C ASN C 6 0.73 7.81 -4.39
N ASN C 7 1.11 8.72 -3.51
CA ASN C 7 0.75 8.61 -2.11
C ASN C 7 0.99 7.19 -1.59
N LYS C 8 2.17 6.68 -1.90
CA LYS C 8 2.70 5.37 -1.47
C LYS C 8 2.14 4.15 -2.21
N VAL C 9 1.17 4.38 -3.09
CA VAL C 9 0.61 3.30 -3.88
C VAL C 9 1.46 3.18 -5.13
N ALA C 10 2.15 2.04 -5.27
CA ALA C 10 3.05 1.80 -6.39
C ALA C 10 2.35 1.02 -7.50
N THR C 11 2.85 1.21 -8.73
CA THR C 11 2.33 0.49 -9.87
C THR C 11 2.36 -1.03 -9.63
N HIS C 12 1.37 -1.71 -10.21
CA HIS C 12 1.28 -3.16 -10.19
C HIS C 12 1.76 -3.79 -11.49
N NH2 C 13 2.25 -3.10 -12.40
N ASN D 2 -8.16 -13.73 6.21
CA ASN D 2 -9.51 -13.18 6.53
C ASN D 2 -10.54 -14.04 5.81
N VAL D 3 -11.16 -14.95 6.54
CA VAL D 3 -12.03 -15.96 5.97
C VAL D 3 -13.42 -15.38 5.64
N LEU D 4 -13.88 -15.60 4.40
CA LEU D 4 -15.23 -15.20 4.01
C LEU D 4 -16.18 -16.39 4.08
N THR D 5 -17.28 -16.18 4.79
CA THR D 5 -18.30 -17.19 4.91
C THR D 5 -19.57 -16.73 4.21
N GLN D 6 -20.00 -17.51 3.22
CA GLN D 6 -21.20 -17.17 2.46
C GLN D 6 -22.37 -18.05 2.84
N SER D 7 -23.54 -17.45 2.96
CA SER D 7 -24.75 -18.21 3.17
C SER D 7 -25.95 -17.58 2.43
N PRO D 8 -26.95 -18.43 2.08
CA PRO D 8 -26.88 -19.89 2.20
C PRO D 8 -25.92 -20.44 1.15
N ALA D 9 -25.47 -21.67 1.31
CA ALA D 9 -24.61 -22.30 0.31
C ALA D 9 -25.41 -22.51 -0.97
N ILE D 10 -26.65 -22.96 -0.85
CA ILE D 10 -27.52 -23.11 -1.99
C ILE D 10 -28.85 -22.43 -1.68
N MET D 11 -29.30 -21.59 -2.60
CA MET D 11 -30.61 -21.02 -2.44
C MET D 11 -31.44 -21.10 -3.72
N SER D 12 -32.75 -21.15 -3.51
CA SER D 12 -33.70 -21.36 -4.57
C SER D 12 -34.69 -20.20 -4.60
N ALA D 13 -34.96 -19.69 -5.81
CA ALA D 13 -35.89 -18.58 -5.94
C ALA D 13 -36.69 -18.69 -7.21
N SER D 14 -37.97 -18.36 -7.10
CA SER D 14 -38.88 -18.31 -8.22
C SER D 14 -38.64 -16.96 -8.96
N PRO D 15 -38.81 -16.91 -10.30
CA PRO D 15 -38.52 -15.63 -10.99
C PRO D 15 -39.42 -14.50 -10.50
N GLY D 16 -38.86 -13.30 -10.41
CA GLY D 16 -39.57 -12.16 -9.86
C GLY D 16 -39.42 -11.97 -8.35
N GLU D 17 -38.95 -12.99 -7.64
CA GLU D 17 -38.74 -12.89 -6.19
C GLU D 17 -37.49 -12.05 -5.86
N LYS D 18 -37.52 -11.36 -4.72
CA LYS D 18 -36.33 -10.67 -4.22
C LYS D 18 -35.48 -11.68 -3.44
N VAL D 19 -34.17 -11.72 -3.71
CA VAL D 19 -33.27 -12.55 -2.90
C VAL D 19 -32.06 -11.79 -2.39
N THR D 20 -31.59 -12.21 -1.21
CA THR D 20 -30.41 -11.66 -0.59
C THR D 20 -29.52 -12.80 -0.12
N MET D 21 -28.26 -12.73 -0.47
CA MET D 21 -27.28 -13.68 0.00
C MET D 21 -26.20 -12.92 0.77
N THR D 22 -25.65 -13.55 1.79
CA THR D 22 -24.72 -12.87 2.69
C THR D 22 -23.26 -13.32 2.58
N CYS D 23 -22.38 -12.39 2.90
CA CYS D 23 -20.95 -12.65 3.00
C CYS D 23 -20.45 -12.03 4.32
N ARG D 24 -20.01 -12.89 5.23
CA ARG D 24 -19.48 -12.41 6.49
C ARG D 24 -17.98 -12.72 6.59
N ALA D 25 -17.22 -11.75 7.09
CA ALA D 25 -15.78 -11.90 7.20
C ALA D 25 -15.39 -12.03 8.66
N SER D 26 -14.26 -12.68 8.91
CA SER D 26 -13.82 -12.88 10.29
C SER D 26 -13.22 -11.60 10.87
N SER D 27 -12.67 -10.75 9.99
CA SER D 27 -12.13 -9.45 10.39
C SER D 27 -12.65 -8.38 9.45
N SER D 28 -12.52 -7.11 9.85
CA SER D 28 -13.06 -6.01 9.06
C SER D 28 -12.53 -5.96 7.63
N VAL D 29 -13.43 -5.67 6.70
CA VAL D 29 -13.05 -5.37 5.32
C VAL D 29 -13.53 -3.96 5.00
N SER D 30 -12.66 -3.14 4.41
CA SER D 30 -13.06 -1.87 3.85
C SER D 30 -14.14 -2.11 2.80
N SER D 31 -15.20 -1.31 2.85
CA SER D 31 -16.24 -1.37 1.80
C SER D 31 -15.64 -1.25 0.39
N SER D 32 -14.45 -0.64 0.30
CA SER D 32 -13.80 -0.43 -0.99
C SER D 32 -13.28 -1.74 -1.59
N TYR D 33 -13.07 -2.73 -0.74
CA TYR D 33 -12.27 -3.88 -1.09
C TYR D 33 -13.05 -5.19 -0.92
N LEU D 34 -14.37 -5.09 -1.02
CA LEU D 34 -15.27 -6.23 -0.94
C LEU D 34 -15.98 -6.31 -2.27
N HIS D 35 -15.81 -7.44 -2.94
CA HIS D 35 -16.26 -7.65 -4.31
C HIS D 35 -17.11 -8.92 -4.47
N TRP D 36 -17.88 -8.99 -5.56
CA TRP D 36 -18.68 -10.17 -5.91
C TRP D 36 -18.44 -10.61 -7.37
N TYR D 37 -18.35 -11.92 -7.59
CA TYR D 37 -18.16 -12.46 -8.94
C TYR D 37 -19.32 -13.38 -9.19
N GLN D 38 -19.71 -13.48 -10.45
CA GLN D 38 -20.70 -14.47 -10.91
C GLN D 38 -19.98 -15.51 -11.76
N GLN D 39 -20.29 -16.78 -11.56
CA GLN D 39 -19.73 -17.83 -12.41
C GLN D 39 -20.80 -18.83 -12.76
N LYS D 40 -20.96 -19.07 -14.06
CA LYS D 40 -21.85 -20.10 -14.54
C LYS D 40 -21.03 -21.30 -14.93
N SER D 41 -21.57 -22.48 -14.62
CA SER D 41 -20.89 -23.77 -14.70
C SER D 41 -19.53 -23.84 -15.43
N GLY D 42 -18.45 -23.84 -14.64
CA GLY D 42 -17.06 -23.96 -15.14
C GLY D 42 -16.45 -22.75 -15.86
N ALA D 43 -17.24 -22.03 -16.68
CA ALA D 43 -16.79 -20.81 -17.42
C ALA D 43 -16.07 -19.85 -16.48
N SER D 44 -15.47 -18.78 -17.02
CA SER D 44 -14.65 -17.89 -16.20
C SER D 44 -15.55 -17.07 -15.33
N PRO D 45 -15.14 -16.83 -14.06
CA PRO D 45 -15.90 -15.92 -13.21
C PRO D 45 -15.95 -14.55 -13.86
N LYS D 46 -17.00 -13.76 -13.59
CA LYS D 46 -17.10 -12.37 -14.08
C LYS D 46 -17.23 -11.48 -12.85
N LEU D 47 -16.48 -10.38 -12.84
CA LEU D 47 -16.67 -9.35 -11.82
C LEU D 47 -18.08 -8.81 -11.94
N TRP D 48 -18.77 -8.77 -10.81
CA TRP D 48 -20.22 -8.52 -10.81
C TRP D 48 -20.52 -7.23 -10.06
N ILE D 49 -20.08 -7.22 -8.81
CA ILE D 49 -20.15 -6.03 -7.96
C ILE D 49 -18.77 -5.78 -7.40
N TYR D 50 -18.32 -4.51 -7.45
CA TYR D 50 -17.04 -4.11 -6.88
C TYR D 50 -17.23 -3.01 -5.84
N SER D 51 -16.33 -2.97 -4.86
CA SER D 51 -16.41 -2.03 -3.75
C SER D 51 -17.83 -1.94 -3.16
N THR D 52 -18.33 -3.12 -2.76
CA THR D 52 -19.60 -3.32 -2.05
C THR D 52 -20.89 -3.18 -2.90
N SER D 53 -21.00 -2.08 -3.62
CA SER D 53 -22.27 -1.62 -4.18
C SER D 53 -22.21 -1.24 -5.65
N ASN D 54 -21.03 -1.30 -6.25
CA ASN D 54 -20.86 -0.81 -7.60
C ASN D 54 -21.01 -1.93 -8.61
N LEU D 55 -21.97 -1.77 -9.51
CA LEU D 55 -22.23 -2.80 -10.51
C LEU D 55 -21.20 -2.70 -11.63
N ALA D 56 -20.59 -3.84 -11.97
CA ALA D 56 -19.69 -3.88 -13.14
C ALA D 56 -20.45 -3.56 -14.43
N SER D 57 -19.74 -3.14 -15.48
CA SER D 57 -20.40 -2.82 -16.76
C SER D 57 -21.17 -4.02 -17.27
N GLY D 58 -22.37 -3.76 -17.80
CA GLY D 58 -23.27 -4.80 -18.27
C GLY D 58 -24.06 -5.59 -17.21
N VAL D 59 -23.81 -5.35 -15.92
CA VAL D 59 -24.57 -6.03 -14.88
C VAL D 59 -25.94 -5.33 -14.76
N PRO D 60 -27.05 -6.10 -14.77
CA PRO D 60 -28.38 -5.51 -14.69
C PRO D 60 -28.68 -4.79 -13.37
N ALA D 61 -29.48 -3.73 -13.45
CA ALA D 61 -29.81 -2.91 -12.28
C ALA D 61 -30.61 -3.63 -11.21
N ARG D 62 -31.13 -4.83 -11.51
CA ARG D 62 -31.77 -5.64 -10.48
C ARG D 62 -30.80 -6.11 -9.39
N PHE D 63 -29.49 -6.10 -9.67
CA PHE D 63 -28.49 -6.44 -8.66
C PHE D 63 -28.10 -5.23 -7.84
N SER D 64 -27.84 -5.45 -6.55
CA SER D 64 -27.24 -4.43 -5.70
C SER D 64 -26.38 -5.15 -4.67
N GLY D 65 -25.50 -4.39 -4.03
CA GLY D 65 -24.74 -4.91 -2.90
C GLY D 65 -24.77 -3.89 -1.78
N SER D 66 -24.60 -4.36 -0.55
CA SER D 66 -24.50 -3.47 0.60
C SER D 66 -23.71 -4.16 1.70
N GLY D 67 -23.37 -3.40 2.74
CA GLY D 67 -22.68 -3.91 3.91
C GLY D 67 -21.49 -3.06 4.28
N SER D 68 -20.83 -3.45 5.36
CA SER D 68 -19.67 -2.76 5.88
C SER D 68 -19.08 -3.62 6.99
N GLY D 69 -17.84 -3.31 7.39
CA GLY D 69 -17.17 -4.02 8.47
C GLY D 69 -16.95 -5.48 8.12
N THR D 70 -17.78 -6.34 8.69
CA THR D 70 -17.66 -7.77 8.53
C THR D 70 -18.95 -8.39 7.94
N SER D 71 -19.91 -7.56 7.53
CA SER D 71 -21.20 -8.06 7.07
C SER D 71 -21.64 -7.39 5.78
N TYR D 72 -21.69 -8.17 4.71
CA TYR D 72 -21.98 -7.70 3.36
C TYR D 72 -23.04 -8.60 2.74
N SER D 73 -23.69 -8.11 1.69
CA SER D 73 -24.71 -8.89 1.01
C SER D 73 -24.86 -8.42 -0.42
N LEU D 74 -25.44 -9.32 -1.22
CA LEU D 74 -25.79 -9.07 -2.61
C LEU D 74 -27.27 -9.35 -2.71
N THR D 75 -27.97 -8.43 -3.36
CA THR D 75 -29.42 -8.55 -3.50
C THR D 75 -29.82 -8.50 -4.97
N ILE D 76 -30.80 -9.33 -5.32
CA ILE D 76 -31.43 -9.26 -6.63
C ILE D 76 -32.90 -8.93 -6.40
N SER D 77 -33.35 -7.77 -6.88
CA SER D 77 -34.71 -7.27 -6.60
C SER D 77 -35.82 -8.17 -7.16
N SER D 78 -35.58 -8.72 -8.35
CA SER D 78 -36.51 -9.64 -8.97
C SER D 78 -35.70 -10.56 -9.84
N VAL D 79 -35.57 -11.79 -9.36
CA VAL D 79 -34.73 -12.81 -9.95
C VAL D 79 -35.19 -13.12 -11.38
N GLU D 80 -34.24 -13.34 -12.28
CA GLU D 80 -34.55 -13.82 -13.62
C GLU D 80 -33.89 -15.17 -13.84
N ALA D 81 -34.41 -15.94 -14.79
CA ALA D 81 -33.82 -17.22 -15.18
C ALA D 81 -32.30 -17.16 -15.38
N GLU D 82 -31.80 -16.11 -16.03
CA GLU D 82 -30.38 -15.96 -16.37
C GLU D 82 -29.48 -15.76 -15.12
N ASP D 83 -30.10 -15.51 -13.97
CA ASP D 83 -29.36 -15.32 -12.74
C ASP D 83 -28.90 -16.63 -12.11
N ALA D 84 -29.30 -17.76 -12.70
CA ALA D 84 -28.86 -19.08 -12.22
C ALA D 84 -27.34 -19.14 -12.32
N ALA D 85 -26.67 -19.09 -11.17
CA ALA D 85 -25.21 -19.06 -11.16
C ALA D 85 -24.67 -19.30 -9.77
N THR D 86 -23.35 -19.37 -9.65
CA THR D 86 -22.71 -19.30 -8.35
C THR D 86 -22.07 -17.92 -8.22
N TYR D 87 -22.31 -17.30 -7.07
CA TYR D 87 -21.83 -15.99 -6.72
C TYR D 87 -20.85 -16.10 -5.58
N TYR D 88 -19.65 -15.57 -5.80
CA TYR D 88 -18.57 -15.58 -4.81
C TYR D 88 -18.25 -14.17 -4.38
N CYS D 89 -18.14 -13.97 -3.07
CA CYS D 89 -17.59 -12.72 -2.56
C CYS D 89 -16.08 -12.87 -2.44
N GLN D 90 -15.40 -11.73 -2.46
CA GLN D 90 -13.94 -11.68 -2.42
C GLN D 90 -13.53 -10.42 -1.67
N GLN D 91 -12.48 -10.54 -0.88
CA GLN D 91 -12.00 -9.41 -0.08
C GLN D 91 -10.50 -9.25 -0.25
N TYR D 92 -10.06 -8.04 0.02
CA TYR D 92 -8.67 -7.73 0.30
C TYR D 92 -8.69 -6.90 1.58
N SER D 93 -7.81 -7.26 2.51
CA SER D 93 -7.63 -6.50 3.76
C SER D 93 -6.16 -6.67 4.16
N GLY D 94 -5.27 -6.45 3.19
CA GLY D 94 -3.94 -7.05 3.21
C GLY D 94 -4.07 -8.41 2.54
N TYR D 95 -2.95 -9.00 2.14
CA TYR D 95 -2.99 -10.28 1.42
C TYR D 95 -3.10 -11.43 2.41
N PRO D 96 -3.58 -12.61 1.95
CA PRO D 96 -4.01 -12.89 0.58
C PRO D 96 -5.42 -12.38 0.28
N TYR D 97 -5.77 -12.28 -1.00
CA TYR D 97 -7.18 -12.21 -1.38
C TYR D 97 -7.77 -13.52 -0.88
N THR D 98 -9.01 -13.47 -0.37
CA THR D 98 -9.79 -14.69 -0.13
C THR D 98 -11.14 -14.55 -0.82
N PHE D 99 -11.73 -15.68 -1.18
CA PHE D 99 -13.09 -15.78 -1.70
C PHE D 99 -13.94 -16.52 -0.68
N GLY D 100 -15.22 -16.20 -0.62
CA GLY D 100 -16.18 -17.02 0.11
C GLY D 100 -16.35 -18.35 -0.63
N GLY D 101 -17.01 -19.31 0.01
CA GLY D 101 -17.28 -20.62 -0.63
C GLY D 101 -18.37 -20.65 -1.71
N GLY D 102 -19.02 -19.51 -1.95
CA GLY D 102 -20.04 -19.40 -3.00
C GLY D 102 -21.46 -19.60 -2.53
N THR D 103 -22.40 -18.93 -3.19
CA THR D 103 -23.84 -19.21 -3.06
C THR D 103 -24.33 -19.60 -4.45
N LYS D 104 -24.87 -20.81 -4.56
CA LYS D 104 -25.43 -21.28 -5.80
C LYS D 104 -26.92 -20.92 -5.85
N LEU D 105 -27.29 -20.11 -6.84
CA LEU D 105 -28.67 -19.69 -6.98
C LEU D 105 -29.37 -20.54 -8.03
N GLU D 106 -30.38 -21.28 -7.60
CA GLU D 106 -31.18 -22.13 -8.47
C GLU D 106 -32.50 -21.44 -8.68
N ILE D 107 -33.09 -21.63 -9.86
CA ILE D 107 -34.32 -20.98 -10.20
C ILE D 107 -35.45 -21.99 -10.09
N LYS D 108 -36.54 -21.57 -9.48
CA LYS D 108 -37.74 -22.41 -9.36
C LYS D 108 -38.67 -22.11 -10.52
N ARG D 109 -39.29 -23.15 -11.06
CA ARG D 109 -40.23 -22.95 -12.14
C ARG D 109 -41.34 -23.97 -12.01
N ALA D 110 -42.32 -23.89 -12.90
CA ALA D 110 -43.40 -24.84 -12.90
C ALA D 110 -42.83 -26.20 -13.27
N ASP D 111 -43.47 -27.25 -12.78
CA ASP D 111 -43.07 -28.59 -13.14
C ASP D 111 -43.21 -28.82 -14.64
N ALA D 112 -42.25 -29.55 -15.20
CA ALA D 112 -42.21 -29.87 -16.62
C ALA D 112 -41.82 -31.34 -16.78
N ALA D 113 -42.62 -32.07 -17.54
CA ALA D 113 -42.30 -33.45 -17.93
C ALA D 113 -41.12 -33.49 -18.91
N PRO D 114 -40.22 -34.50 -18.79
CA PRO D 114 -39.15 -34.58 -19.78
C PRO D 114 -39.66 -35.01 -21.14
N THR D 115 -39.00 -34.52 -22.18
CA THR D 115 -39.12 -35.15 -23.50
C THR D 115 -38.14 -36.32 -23.47
N VAL D 116 -38.68 -37.55 -23.55
CA VAL D 116 -37.91 -38.77 -23.41
C VAL D 116 -37.63 -39.40 -24.78
N SER D 117 -36.36 -39.70 -25.04
CA SER D 117 -35.99 -40.32 -26.30
C SER D 117 -35.13 -41.55 -26.02
N ILE D 118 -35.39 -42.66 -26.71
CA ILE D 118 -34.54 -43.84 -26.51
C ILE D 118 -33.78 -44.19 -27.80
N PHE D 119 -32.56 -44.67 -27.64
CA PHE D 119 -31.68 -44.99 -28.78
C PHE D 119 -31.05 -46.38 -28.65
N PRO D 120 -31.11 -47.20 -29.74
CA PRO D 120 -30.38 -48.46 -29.69
C PRO D 120 -28.86 -48.26 -29.75
N PRO D 121 -28.11 -49.27 -29.31
CA PRO D 121 -26.68 -49.30 -29.63
C PRO D 121 -26.51 -49.14 -31.13
N SER D 122 -25.52 -48.36 -31.54
CA SER D 122 -25.26 -48.20 -32.95
C SER D 122 -24.67 -49.49 -33.51
N SER D 123 -24.80 -49.70 -34.82
CA SER D 123 -24.14 -50.86 -35.43
C SER D 123 -22.61 -50.77 -35.28
N GLU D 124 -22.07 -49.55 -35.26
CA GLU D 124 -20.65 -49.29 -35.00
C GLU D 124 -20.24 -49.87 -33.65
N GLN D 125 -20.93 -49.47 -32.58
CA GLN D 125 -20.59 -49.98 -31.26
C GLN D 125 -20.69 -51.50 -31.16
N LEU D 126 -21.75 -52.07 -31.72
CA LEU D 126 -21.93 -53.53 -31.70
C LEU D 126 -20.75 -54.29 -32.33
N THR D 127 -20.20 -53.77 -33.43
CA THR D 127 -19.01 -54.40 -34.09
C THR D 127 -17.86 -54.64 -33.13
N SER D 128 -17.77 -53.80 -32.09
CA SER D 128 -16.70 -53.82 -31.09
C SER D 128 -17.06 -54.66 -29.87
N GLY D 129 -18.24 -55.26 -29.87
CA GLY D 129 -18.64 -56.17 -28.80
C GLY D 129 -19.22 -55.49 -27.57
N GLY D 130 -19.56 -54.21 -27.70
CA GLY D 130 -20.22 -53.48 -26.61
C GLY D 130 -21.62 -53.03 -27.03
N ALA D 131 -22.45 -52.67 -26.05
CA ALA D 131 -23.83 -52.25 -26.35
C ALA D 131 -24.34 -51.22 -25.35
N SER D 132 -24.46 -49.97 -25.79
CA SER D 132 -24.95 -48.90 -24.93
C SER D 132 -26.32 -48.43 -25.39
N VAL D 133 -27.32 -48.60 -24.55
CA VAL D 133 -28.65 -48.13 -24.87
C VAL D 133 -28.78 -46.79 -24.17
N VAL D 134 -29.12 -45.75 -24.94
CA VAL D 134 -29.11 -44.38 -24.41
C VAL D 134 -30.55 -43.83 -24.28
N CYS D 135 -30.83 -43.15 -23.18
CA CYS D 135 -32.13 -42.51 -23.00
C CYS D 135 -31.87 -41.04 -22.60
N PHE D 136 -32.40 -40.08 -23.35
CA PHE D 136 -32.34 -38.67 -22.96
C PHE D 136 -33.67 -38.28 -22.33
N LEU D 137 -33.58 -37.56 -21.20
CA LEU D 137 -34.75 -37.02 -20.53
C LEU D 137 -34.53 -35.54 -20.47
N ASN D 138 -35.18 -34.83 -21.37
CA ASN D 138 -34.79 -33.46 -21.67
C ASN D 138 -35.81 -32.44 -21.23
N ASN D 139 -35.29 -31.34 -20.71
CA ASN D 139 -36.04 -30.17 -20.33
C ASN D 139 -37.18 -30.44 -19.37
N PHE D 140 -36.84 -31.04 -18.24
CA PHE D 140 -37.78 -31.29 -17.16
C PHE D 140 -37.48 -30.49 -15.91
N TYR D 141 -38.46 -30.44 -15.02
CA TYR D 141 -38.30 -29.78 -13.73
C TYR D 141 -39.26 -30.41 -12.74
N PRO D 142 -38.83 -30.66 -11.47
CA PRO D 142 -37.52 -30.37 -10.85
C PRO D 142 -36.44 -31.39 -11.21
N LYS D 143 -35.24 -31.21 -10.67
CA LYS D 143 -34.08 -32.03 -11.10
C LYS D 143 -34.21 -33.50 -10.70
N ASP D 144 -34.94 -33.72 -9.60
CA ASP D 144 -35.32 -35.04 -9.03
C ASP D 144 -36.06 -36.09 -9.90
N ILE D 145 -35.49 -36.50 -11.02
CA ILE D 145 -36.18 -37.47 -11.85
C ILE D 145 -35.54 -38.86 -11.65
N ASN D 146 -36.38 -39.90 -11.70
CA ASN D 146 -35.87 -41.28 -11.67
C ASN D 146 -35.99 -41.95 -13.05
N VAL D 147 -34.98 -42.71 -13.46
CA VAL D 147 -35.09 -43.51 -14.68
C VAL D 147 -35.04 -44.97 -14.28
N LYS D 148 -35.94 -45.75 -14.88
CA LYS D 148 -35.97 -47.19 -14.70
C LYS D 148 -35.87 -47.84 -16.07
N TRP D 149 -34.96 -48.80 -16.15
CA TRP D 149 -34.67 -49.51 -17.39
C TRP D 149 -35.27 -50.89 -17.29
N LYS D 150 -35.90 -51.31 -18.38
CA LYS D 150 -36.43 -52.67 -18.44
C LYS D 150 -35.90 -53.32 -19.70
N ILE D 151 -35.48 -54.57 -19.58
CA ILE D 151 -35.04 -55.39 -20.71
C ILE D 151 -36.01 -56.53 -20.74
N ASP D 152 -36.57 -56.80 -21.91
CA ASP D 152 -37.61 -57.83 -22.06
C ASP D 152 -38.74 -57.71 -21.03
N GLY D 153 -39.04 -56.45 -20.69
CA GLY D 153 -40.13 -56.11 -19.78
C GLY D 153 -39.82 -56.33 -18.31
N SER D 154 -38.57 -56.61 -17.99
CA SER D 154 -38.09 -56.83 -16.62
C SER D 154 -37.10 -55.73 -16.24
N GLU D 155 -37.18 -55.25 -14.98
CA GLU D 155 -36.32 -54.19 -14.49
C GLU D 155 -34.85 -54.63 -14.41
N ARG D 156 -33.98 -53.76 -14.86
CA ARG D 156 -32.55 -54.00 -14.86
C ARG D 156 -31.91 -52.85 -14.09
N GLN D 157 -31.19 -53.18 -13.02
CA GLN D 157 -30.62 -52.14 -12.15
C GLN D 157 -29.14 -51.87 -12.42
N ASN D 158 -28.43 -52.88 -12.94
CA ASN D 158 -26.97 -52.81 -13.10
C ASN D 158 -26.47 -52.41 -14.49
N GLY D 159 -25.39 -51.63 -14.54
CA GLY D 159 -24.82 -51.20 -15.82
C GLY D 159 -25.35 -49.85 -16.29
N VAL D 160 -25.92 -49.10 -15.36
CA VAL D 160 -26.57 -47.82 -15.69
C VAL D 160 -25.74 -46.66 -15.17
N LEU D 161 -25.49 -45.70 -16.05
CA LEU D 161 -24.80 -44.45 -15.73
C LEU D 161 -25.62 -43.26 -16.21
N ASN D 162 -25.73 -42.30 -15.31
CA ASN D 162 -26.60 -41.13 -15.45
C ASN D 162 -25.77 -39.86 -15.39
N SER D 163 -26.15 -38.87 -16.19
CA SER D 163 -25.52 -37.57 -16.15
C SER D 163 -26.57 -36.47 -16.34
N TRP D 164 -26.44 -35.41 -15.58
CA TRP D 164 -27.35 -34.27 -15.60
C TRP D 164 -26.65 -32.99 -16.07
N THR D 165 -27.38 -32.21 -16.85
CA THR D 165 -26.95 -30.86 -17.17
C THR D 165 -27.14 -29.94 -15.96
N ASP D 166 -26.41 -28.84 -15.96
CA ASP D 166 -26.70 -27.73 -15.06
C ASP D 166 -28.01 -27.10 -15.50
N GLN D 167 -28.61 -26.30 -14.62
CA GLN D 167 -29.88 -25.66 -14.93
C GLN D 167 -29.77 -24.76 -16.17
N ASP D 168 -30.73 -24.90 -17.06
CA ASP D 168 -30.79 -24.10 -18.27
C ASP D 168 -31.00 -22.61 -17.95
N SER D 169 -30.17 -21.77 -18.54
CA SER D 169 -30.18 -20.32 -18.34
C SER D 169 -31.42 -19.60 -18.87
N LYS D 170 -32.11 -20.23 -19.84
CA LYS D 170 -33.27 -19.60 -20.50
C LYS D 170 -34.59 -20.06 -19.89
N ASP D 171 -34.73 -21.38 -19.73
CA ASP D 171 -36.02 -21.94 -19.29
C ASP D 171 -35.99 -22.65 -17.95
N SER D 172 -34.81 -22.71 -17.33
CA SER D 172 -34.68 -23.17 -15.94
C SER D 172 -34.99 -24.67 -15.76
N THR D 173 -34.95 -25.41 -16.85
CA THR D 173 -35.14 -26.83 -16.80
C THR D 173 -33.79 -27.54 -16.66
N TYR D 174 -33.88 -28.85 -16.44
CA TYR D 174 -32.70 -29.69 -16.36
C TYR D 174 -32.87 -30.73 -17.46
N SER D 175 -31.76 -31.32 -17.86
CA SER D 175 -31.84 -32.50 -18.73
C SER D 175 -30.95 -33.62 -18.17
N MET D 176 -31.24 -34.86 -18.54
CA MET D 176 -30.53 -36.02 -18.01
C MET D 176 -30.31 -37.02 -19.13
N SER D 177 -29.14 -37.62 -19.17
CA SER D 177 -28.86 -38.75 -20.06
C SER D 177 -28.66 -39.97 -19.16
N SER D 178 -29.22 -41.11 -19.58
CA SER D 178 -29.05 -42.39 -18.87
C SER D 178 -28.60 -43.43 -19.89
N THR D 179 -27.55 -44.17 -19.56
CA THR D 179 -27.00 -45.15 -20.48
C THR D 179 -26.92 -46.49 -19.80
N LEU D 180 -27.54 -47.48 -20.42
CA LEU D 180 -27.42 -48.87 -20.00
C LEU D 180 -26.38 -49.52 -20.91
N THR D 181 -25.25 -49.93 -20.34
CA THR D 181 -24.21 -50.63 -21.11
C THR D 181 -24.22 -52.12 -20.84
N LEU D 182 -24.31 -52.86 -21.93
CA LEU D 182 -24.31 -54.32 -21.92
C LEU D 182 -23.19 -54.75 -22.86
N THR D 183 -22.85 -56.03 -22.82
CA THR D 183 -22.02 -56.61 -23.87
C THR D 183 -22.91 -56.76 -25.10
N LYS D 184 -22.31 -56.78 -26.29
CA LYS D 184 -23.06 -57.06 -27.51
C LYS D 184 -23.86 -58.37 -27.40
N ASP D 185 -23.24 -59.44 -26.88
CA ASP D 185 -23.93 -60.73 -26.77
C ASP D 185 -25.15 -60.65 -25.86
N GLU D 186 -25.03 -59.90 -24.77
CA GLU D 186 -26.12 -59.74 -23.81
C GLU D 186 -27.29 -58.99 -24.45
N TYR D 187 -26.93 -57.92 -25.15
CA TYR D 187 -27.87 -57.10 -25.88
C TYR D 187 -28.64 -57.92 -26.89
N GLU D 188 -27.93 -58.80 -27.60
CA GLU D 188 -28.55 -59.59 -28.63
C GLU D 188 -29.27 -60.83 -28.11
N ARG D 189 -29.28 -61.03 -26.80
CA ARG D 189 -30.00 -62.14 -26.20
C ARG D 189 -31.43 -61.73 -25.79
N HIS D 190 -31.71 -60.44 -25.96
CA HIS D 190 -33.00 -59.86 -25.58
C HIS D 190 -33.60 -59.07 -26.72
N ASN D 191 -34.87 -58.72 -26.61
CA ASN D 191 -35.48 -58.01 -27.73
C ASN D 191 -35.95 -56.60 -27.40
N SER D 192 -36.60 -56.43 -26.25
CA SER D 192 -37.20 -55.13 -25.97
C SER D 192 -36.39 -54.36 -24.93
N TYR D 193 -36.28 -53.06 -25.14
CA TYR D 193 -35.52 -52.17 -24.31
C TYR D 193 -36.38 -50.98 -24.00
N THR D 194 -36.57 -50.70 -22.71
CA THR D 194 -37.50 -49.68 -22.23
C THR D 194 -36.85 -48.75 -21.21
N CYS D 195 -37.00 -47.45 -21.41
CA CYS D 195 -36.63 -46.48 -20.36
C CYS D 195 -37.86 -45.70 -19.93
N GLU D 196 -38.01 -45.58 -18.62
CA GLU D 196 -39.20 -44.99 -18.02
C GLU D 196 -38.76 -43.86 -17.11
N ALA D 197 -39.43 -42.73 -17.25
CA ALA D 197 -39.14 -41.55 -16.46
C ALA D 197 -40.25 -41.36 -15.47
N THR D 198 -39.91 -41.32 -14.18
CA THR D 198 -40.92 -40.98 -13.17
C THR D 198 -40.42 -39.83 -12.29
N HIS D 199 -41.31 -38.86 -12.02
CA HIS D 199 -41.09 -37.84 -10.95
C HIS D 199 -41.20 -38.55 -9.61
N LYS D 200 -40.52 -38.02 -8.60
CA LYS D 200 -40.57 -38.60 -7.25
C LYS D 200 -42.00 -38.67 -6.65
N THR D 201 -42.85 -37.71 -7.01
CA THR D 201 -44.20 -37.60 -6.45
C THR D 201 -45.34 -38.19 -7.31
N SER D 202 -45.00 -38.82 -8.43
CA SER D 202 -46.03 -39.45 -9.29
C SER D 202 -45.77 -40.93 -9.55
N THR D 203 -46.85 -41.68 -9.79
CA THR D 203 -46.73 -43.11 -10.15
C THR D 203 -47.13 -43.37 -11.60
N SER D 204 -47.20 -42.31 -12.41
CA SER D 204 -47.36 -42.45 -13.86
C SER D 204 -46.07 -42.11 -14.56
N PRO D 205 -45.46 -43.10 -15.25
CA PRO D 205 -44.23 -42.83 -15.95
C PRO D 205 -44.46 -42.26 -17.36
N ILE D 206 -43.38 -41.80 -17.98
CA ILE D 206 -43.35 -41.58 -19.40
C ILE D 206 -42.46 -42.70 -19.88
N VAL D 207 -42.91 -43.48 -20.86
CA VAL D 207 -42.13 -44.64 -21.28
C VAL D 207 -41.75 -44.54 -22.75
N LYS D 208 -40.51 -44.95 -23.07
CA LYS D 208 -40.09 -45.09 -24.44
C LYS D 208 -39.37 -46.40 -24.58
N SER D 209 -39.65 -47.10 -25.69
CA SER D 209 -39.02 -48.37 -25.90
C SER D 209 -38.71 -48.58 -27.37
N PHE D 210 -37.89 -49.59 -27.60
CA PHE D 210 -37.69 -50.13 -28.92
C PHE D 210 -37.48 -51.63 -28.83
N ASN D 211 -37.60 -52.28 -29.98
CA ASN D 211 -37.38 -53.71 -30.14
C ASN D 211 -36.23 -53.89 -31.09
N ARG D 212 -35.33 -54.81 -30.79
CA ARG D 212 -34.25 -55.15 -31.74
C ARG D 212 -34.77 -55.66 -33.08
N ASN D 213 -35.90 -56.38 -33.05
CA ASN D 213 -36.35 -57.13 -34.23
C ASN D 213 -37.21 -56.36 -35.24
N GLU D 214 -37.79 -55.23 -34.83
CA GLU D 214 -38.70 -54.51 -35.72
C GLU D 214 -38.77 -53.03 -35.43
N CYS D 215 -39.19 -52.25 -36.43
CA CYS D 215 -39.38 -50.80 -36.30
C CYS D 215 -40.57 -50.47 -35.41
N ALA E 1 -9.33 -3.78 -27.55
CA ALA E 1 -9.97 -5.08 -27.16
C ALA E 1 -9.18 -5.79 -26.05
N VAL E 2 -9.69 -5.80 -24.83
CA VAL E 2 -8.93 -6.41 -23.73
C VAL E 2 -9.17 -7.93 -23.72
N GLN E 3 -8.11 -8.72 -23.90
CA GLN E 3 -8.20 -10.18 -23.88
C GLN E 3 -7.09 -10.77 -23.04
N LEU E 4 -7.43 -11.76 -22.20
CA LEU E 4 -6.41 -12.64 -21.60
C LEU E 4 -6.58 -14.04 -22.20
N GLU E 5 -5.69 -14.44 -23.10
CA GLU E 5 -5.83 -15.70 -23.83
C GLU E 5 -4.84 -16.69 -23.20
N GLN E 6 -5.34 -17.77 -22.61
CA GLN E 6 -4.49 -18.74 -21.94
C GLN E 6 -4.12 -19.93 -22.82
N SER E 7 -3.06 -20.65 -22.46
CA SER E 7 -2.67 -21.83 -23.23
C SER E 7 -3.67 -23.00 -23.06
N GLY E 8 -3.61 -23.96 -23.98
CA GLY E 8 -4.53 -25.08 -24.01
C GLY E 8 -4.37 -26.03 -22.84
N PRO E 9 -5.29 -27.01 -22.72
CA PRO E 9 -5.26 -28.01 -21.65
C PRO E 9 -3.95 -28.82 -21.65
N GLU E 10 -3.52 -29.23 -20.46
CA GLU E 10 -2.27 -29.95 -20.32
C GLU E 10 -2.51 -31.24 -19.56
N LEU E 11 -1.84 -32.30 -19.98
CA LEU E 11 -1.78 -33.53 -19.22
C LEU E 11 -0.33 -33.76 -18.85
N LYS E 12 -0.06 -33.91 -17.55
CA LYS E 12 1.31 -34.14 -17.09
C LYS E 12 1.36 -35.25 -16.06
N LYS E 13 2.51 -35.87 -15.96
CA LYS E 13 2.70 -36.94 -14.99
C LYS E 13 3.09 -36.35 -13.63
N PRO E 14 2.75 -37.05 -12.54
CA PRO E 14 3.21 -36.62 -11.21
C PRO E 14 4.74 -36.43 -11.20
N GLY E 15 5.18 -35.42 -10.48
CA GLY E 15 6.58 -35.08 -10.41
C GLY E 15 7.09 -34.27 -11.58
N GLU E 16 6.33 -34.19 -12.66
CA GLU E 16 6.72 -33.35 -13.80
C GLU E 16 6.41 -31.89 -13.54
N THR E 17 6.73 -31.08 -14.53
CA THR E 17 6.53 -29.64 -14.44
C THR E 17 5.56 -29.24 -15.52
N VAL E 18 4.70 -28.28 -15.22
CA VAL E 18 3.82 -27.68 -16.21
C VAL E 18 4.02 -26.16 -16.19
N LYS E 19 3.94 -25.54 -17.37
CA LYS E 19 4.03 -24.08 -17.50
C LYS E 19 2.87 -23.61 -18.36
N ILE E 20 2.03 -22.76 -17.81
CA ILE E 20 0.83 -22.24 -18.46
C ILE E 20 1.09 -20.78 -18.81
N SER E 21 0.67 -20.32 -19.99
CA SER E 21 0.82 -18.93 -20.37
C SER E 21 -0.52 -18.19 -20.36
N CYS E 22 -0.42 -16.87 -20.22
CA CYS E 22 -1.56 -15.98 -20.24
C CYS E 22 -1.11 -14.81 -21.11
N LYS E 23 -1.61 -14.75 -22.34
CA LYS E 23 -1.24 -13.70 -23.28
C LYS E 23 -2.26 -12.57 -23.26
N ALA E 24 -1.79 -11.39 -22.85
CA ALA E 24 -2.64 -10.23 -22.65
C ALA E 24 -2.61 -9.34 -23.89
N SER E 25 -3.74 -8.70 -24.20
CA SER E 25 -3.78 -7.72 -25.30
C SER E 25 -4.77 -6.63 -24.96
N GLY E 26 -4.68 -5.51 -25.67
CA GLY E 26 -5.65 -4.42 -25.60
C GLY E 26 -5.39 -3.41 -24.51
N TYR E 27 -4.30 -3.59 -23.75
CA TYR E 27 -3.93 -2.66 -22.67
C TYR E 27 -2.44 -2.72 -22.38
N THR E 28 -1.91 -1.75 -21.62
CA THR E 28 -0.48 -1.73 -21.28
C THR E 28 -0.25 -2.77 -20.21
N PHE E 29 0.43 -3.85 -20.61
CA PHE E 29 0.58 -5.06 -19.79
C PHE E 29 1.22 -4.75 -18.44
N THR E 30 2.21 -3.87 -18.48
CA THR E 30 3.02 -3.54 -17.32
C THR E 30 2.36 -2.60 -16.28
N ASN E 31 1.13 -2.15 -16.55
CA ASN E 31 0.44 -1.21 -15.65
C ASN E 31 -0.58 -1.90 -14.72
N TYR E 32 -0.81 -3.19 -14.94
CA TYR E 32 -1.78 -3.96 -14.14
C TYR E 32 -1.14 -5.24 -13.67
N GLY E 33 -1.34 -5.56 -12.40
CA GLY E 33 -0.89 -6.84 -11.87
C GLY E 33 -1.66 -8.00 -12.48
N MET E 34 -1.03 -9.17 -12.55
CA MET E 34 -1.67 -10.34 -13.08
C MET E 34 -1.87 -11.28 -11.90
N ASN E 35 -3.11 -11.73 -11.70
CA ASN E 35 -3.43 -12.65 -10.63
C ASN E 35 -3.59 -14.06 -11.15
N TRP E 36 -3.32 -15.06 -10.30
CA TRP E 36 -3.57 -16.45 -10.63
C TRP E 36 -4.58 -17.06 -9.65
N VAL E 37 -5.58 -17.76 -10.21
CA VAL E 37 -6.67 -18.34 -9.40
C VAL E 37 -6.86 -19.81 -9.77
N LYS E 38 -6.88 -20.67 -8.75
CA LYS E 38 -7.06 -22.10 -8.94
C LYS E 38 -8.50 -22.50 -8.61
N GLN E 39 -9.07 -23.37 -9.44
CA GLN E 39 -10.39 -23.93 -9.18
C GLN E 39 -10.32 -25.42 -9.44
N ALA E 40 -10.25 -26.18 -8.37
CA ALA E 40 -10.29 -27.64 -8.41
C ALA E 40 -11.67 -28.08 -8.92
N PRO E 41 -11.76 -29.26 -9.57
CA PRO E 41 -13.02 -29.72 -10.19
C PRO E 41 -14.15 -29.76 -9.16
N GLY E 42 -15.20 -28.99 -9.42
CA GLY E 42 -16.36 -28.94 -8.55
C GLY E 42 -16.19 -28.16 -7.24
N LYS E 43 -15.14 -27.35 -7.14
CA LYS E 43 -14.85 -26.59 -5.94
C LYS E 43 -14.83 -25.07 -6.23
N GLY E 44 -14.50 -24.28 -5.22
CA GLY E 44 -14.53 -22.84 -5.33
C GLY E 44 -13.25 -22.21 -5.86
N LEU E 45 -13.22 -20.88 -5.83
CA LEU E 45 -12.07 -20.12 -6.33
C LEU E 45 -11.05 -19.96 -5.24
N LYS E 46 -9.78 -20.10 -5.61
CA LYS E 46 -8.72 -19.90 -4.65
C LYS E 46 -7.62 -19.04 -5.26
N TRP E 47 -7.32 -17.91 -4.61
CA TRP E 47 -6.31 -16.97 -5.09
C TRP E 47 -4.91 -17.50 -4.80
N MET E 48 -4.10 -17.62 -5.84
CA MET E 48 -2.79 -18.19 -5.71
C MET E 48 -1.72 -17.12 -5.41
N GLY E 49 -2.00 -15.89 -5.81
CA GLY E 49 -1.01 -14.83 -5.69
C GLY E 49 -1.08 -13.97 -6.93
N TRP E 50 -0.12 -13.06 -7.06
CA TRP E 50 -0.05 -12.18 -8.20
C TRP E 50 1.39 -11.86 -8.54
N ILE E 51 1.58 -11.35 -9.73
CA ILE E 51 2.86 -10.90 -10.15
C ILE E 51 2.74 -9.42 -10.53
N ASN E 52 3.72 -8.65 -10.07
CA ASN E 52 3.84 -7.28 -10.46
C ASN E 52 4.46 -7.25 -11.86
N THR E 53 3.74 -6.67 -12.82
CA THR E 53 4.17 -6.70 -14.22
C THR E 53 5.10 -5.55 -14.57
N TYR E 54 5.26 -4.61 -13.66
CA TYR E 54 6.20 -3.54 -13.86
C TYR E 54 7.59 -3.93 -13.35
N THR E 55 7.62 -4.63 -12.21
CA THR E 55 8.87 -5.00 -11.55
C THR E 55 9.21 -6.49 -11.70
N GLY E 56 8.21 -7.32 -12.01
CA GLY E 56 8.43 -8.76 -12.08
C GLY E 56 8.34 -9.48 -10.76
N GLU E 57 8.11 -8.74 -9.67
CA GLU E 57 8.02 -9.36 -8.35
C GLU E 57 6.74 -10.19 -8.13
N PRO E 58 6.90 -11.47 -7.81
CA PRO E 58 5.77 -12.35 -7.56
C PRO E 58 5.45 -12.37 -6.07
N THR E 59 4.15 -12.47 -5.75
CA THR E 59 3.70 -12.65 -4.38
C THR E 59 2.84 -13.90 -4.34
N TYR E 60 3.19 -14.86 -3.48
CA TYR E 60 2.47 -16.15 -3.39
C TYR E 60 1.60 -16.20 -2.14
N ALA E 61 0.37 -16.73 -2.30
CA ALA E 61 -0.52 -16.97 -1.18
C ALA E 61 0.04 -18.13 -0.39
N ASP E 62 -0.27 -18.19 0.90
CA ASP E 62 0.36 -19.12 1.83
C ASP E 62 0.34 -20.60 1.45
N ASP E 63 -0.66 -21.02 0.67
CA ASP E 63 -0.77 -22.41 0.23
C ASP E 63 -0.04 -22.70 -1.07
N PHE E 64 0.62 -21.68 -1.63
CA PHE E 64 1.28 -21.80 -2.95
C PHE E 64 2.73 -21.30 -2.91
N LYS E 65 3.35 -21.46 -1.74
CA LYS E 65 4.71 -20.93 -1.51
C LYS E 65 5.80 -21.96 -1.75
N GLU E 66 5.41 -23.08 -2.35
CA GLU E 66 6.29 -24.23 -2.43
C GLU E 66 6.87 -24.41 -3.85
N ARG E 67 5.99 -24.80 -4.76
CA ARG E 67 6.38 -25.42 -6.01
C ARG E 67 5.84 -24.57 -7.14
N PHE E 68 5.49 -23.32 -6.82
CA PHE E 68 4.79 -22.42 -7.75
C PHE E 68 5.64 -21.23 -8.15
N ALA E 69 5.69 -20.96 -9.46
CA ALA E 69 6.49 -19.85 -9.98
C ALA E 69 5.75 -18.99 -11.01
N PHE E 70 5.58 -17.71 -10.68
CA PHE E 70 5.03 -16.73 -11.62
C PHE E 70 6.18 -16.05 -12.33
N SER E 71 6.01 -15.82 -13.63
CA SER E 71 7.04 -15.11 -14.39
C SER E 71 6.38 -14.31 -15.51
N LEU E 72 7.19 -13.54 -16.24
CA LEU E 72 6.72 -12.68 -17.28
C LEU E 72 7.61 -12.80 -18.48
N GLU E 73 7.04 -12.45 -19.64
CA GLU E 73 7.82 -12.03 -20.79
C GLU E 73 7.13 -10.79 -21.27
N THR E 74 7.61 -9.64 -20.81
CA THR E 74 6.89 -8.41 -21.00
C THR E 74 6.86 -7.96 -22.46
N SER E 75 7.88 -8.35 -23.24
CA SER E 75 7.92 -8.04 -24.68
C SER E 75 6.78 -8.73 -25.42
N ALA E 76 6.31 -9.85 -24.86
CA ALA E 76 5.21 -10.62 -25.45
C ALA E 76 3.89 -10.36 -24.76
N SER E 77 3.89 -9.47 -23.75
CA SER E 77 2.70 -9.22 -22.92
C SER E 77 2.12 -10.52 -22.42
N ALA E 78 3.00 -11.33 -21.85
CA ALA E 78 2.64 -12.66 -21.40
C ALA E 78 3.08 -12.90 -19.97
N ALA E 79 2.24 -13.62 -19.27
CA ALA E 79 2.45 -14.01 -17.90
C ALA E 79 2.42 -15.51 -17.87
N TYR E 80 3.24 -16.09 -16.99
CA TYR E 80 3.36 -17.54 -16.93
C TYR E 80 3.17 -18.04 -15.52
N LEU E 81 2.58 -19.23 -15.40
CA LEU E 81 2.45 -19.92 -14.14
C LEU E 81 3.20 -21.22 -14.34
N GLN E 82 4.27 -21.45 -13.58
CA GLN E 82 4.92 -22.76 -13.59
C GLN E 82 4.65 -23.50 -12.28
N ILE E 83 4.26 -24.77 -12.40
CA ILE E 83 4.10 -25.66 -11.25
C ILE E 83 5.10 -26.78 -11.38
N ASN E 84 5.93 -26.92 -10.34
CA ASN E 84 6.96 -27.94 -10.27
C ASN E 84 6.53 -29.12 -9.43
N ASN E 85 7.17 -30.28 -9.66
CA ASN E 85 6.90 -31.49 -8.88
C ASN E 85 5.39 -31.75 -8.72
N LEU E 86 4.71 -31.84 -9.85
CA LEU E 86 3.24 -31.90 -9.87
C LEU E 86 2.70 -33.00 -8.99
N LYS E 87 1.63 -32.69 -8.28
CA LYS E 87 0.88 -33.66 -7.49
C LYS E 87 -0.50 -33.79 -8.10
N ASN E 88 -1.18 -34.88 -7.77
CA ASN E 88 -2.56 -35.09 -8.22
C ASN E 88 -3.49 -33.96 -7.82
N GLU E 89 -3.25 -33.34 -6.66
CA GLU E 89 -4.07 -32.22 -6.15
C GLU E 89 -3.92 -30.93 -6.98
N ASP E 90 -2.90 -30.89 -7.84
CA ASP E 90 -2.71 -29.80 -8.79
C ASP E 90 -3.65 -29.90 -10.00
N THR E 91 -4.36 -31.02 -10.08
CA THR E 91 -5.42 -31.17 -11.07
C THR E 91 -6.54 -30.16 -10.79
N ALA E 92 -6.70 -29.23 -11.71
CA ALA E 92 -7.59 -28.10 -11.52
C ALA E 92 -7.57 -27.26 -12.78
N THR E 93 -8.47 -26.29 -12.82
CA THR E 93 -8.42 -25.22 -13.81
C THR E 93 -7.75 -24.00 -13.18
N TYR E 94 -6.82 -23.40 -13.91
CA TYR E 94 -6.09 -22.22 -13.48
C TYR E 94 -6.48 -21.06 -14.36
N PHE E 95 -6.82 -19.94 -13.72
CA PHE E 95 -7.18 -18.69 -14.42
C PHE E 95 -6.13 -17.66 -14.11
N CYS E 96 -5.80 -16.84 -15.12
CA CYS E 96 -5.12 -15.62 -14.89
C CYS E 96 -6.20 -14.52 -14.89
N ALA E 97 -6.02 -13.50 -14.05
CA ALA E 97 -7.00 -12.42 -13.94
C ALA E 97 -6.29 -11.11 -13.64
N ARG E 98 -6.62 -10.10 -14.42
CA ARG E 98 -6.01 -8.77 -14.33
C ARG E 98 -6.57 -7.97 -13.18
N ASP E 99 -5.71 -7.15 -12.59
CA ASP E 99 -6.11 -6.16 -11.58
C ASP E 99 -7.15 -5.18 -12.11
N TYR E 100 -8.19 -4.96 -11.30
CA TYR E 100 -9.13 -3.89 -11.54
C TYR E 100 -8.64 -2.63 -10.85
N TYR E 101 -8.65 -1.54 -11.64
CA TYR E 101 -8.20 -0.24 -11.20
C TYR E 101 -9.30 0.78 -11.34
N GLY E 102 -9.27 1.78 -10.48
CA GLY E 102 -10.06 2.98 -10.65
C GLY E 102 -9.28 3.90 -11.56
N SER E 103 -9.44 5.20 -11.38
CA SER E 103 -8.74 6.16 -12.23
C SER E 103 -7.24 6.18 -11.90
N THR E 104 -6.90 5.74 -10.70
CA THR E 104 -5.54 5.85 -10.18
C THR E 104 -5.15 4.62 -9.34
N TYR E 105 -6.01 4.26 -8.40
CA TYR E 105 -5.68 3.25 -7.40
C TYR E 105 -6.31 1.89 -7.70
N PRO E 106 -5.69 0.81 -7.20
CA PRO E 106 -6.29 -0.50 -7.35
C PRO E 106 -7.52 -0.65 -6.45
N TYR E 107 -8.47 -1.44 -6.93
CA TYR E 107 -9.67 -1.79 -6.19
C TYR E 107 -9.43 -3.13 -5.49
N TYR E 108 -8.31 -3.77 -5.84
CA TYR E 108 -7.99 -5.13 -5.40
C TYR E 108 -9.11 -6.13 -5.76
N ALA E 109 -9.69 -5.92 -6.94
CA ALA E 109 -10.60 -6.86 -7.60
C ALA E 109 -9.92 -7.30 -8.89
N MET E 110 -10.52 -8.28 -9.53
CA MET E 110 -10.03 -8.79 -10.82
C MET E 110 -11.10 -8.63 -11.89
N ASP E 111 -10.82 -7.78 -12.89
CA ASP E 111 -11.84 -7.42 -13.88
C ASP E 111 -11.88 -8.32 -15.14
N TYR E 112 -10.72 -8.60 -15.73
CA TYR E 112 -10.67 -9.44 -16.94
C TYR E 112 -10.05 -10.75 -16.55
N TRP E 113 -10.66 -11.84 -16.98
CA TRP E 113 -10.20 -13.18 -16.66
C TRP E 113 -9.90 -13.92 -17.95
N GLY E 114 -8.84 -14.73 -17.94
CA GLY E 114 -8.60 -15.68 -19.03
C GLY E 114 -9.67 -16.76 -19.04
N GLN E 115 -9.66 -17.58 -20.08
CA GLN E 115 -10.69 -18.59 -20.25
C GLN E 115 -10.39 -19.81 -19.35
N GLY E 116 -9.19 -19.79 -18.78
CA GLY E 116 -8.69 -20.85 -17.91
C GLY E 116 -7.93 -21.95 -18.62
N THR E 117 -7.06 -22.65 -17.89
CA THR E 117 -6.26 -23.76 -18.39
C THR E 117 -6.45 -24.94 -17.46
N THR E 118 -6.97 -26.04 -18.00
CA THR E 118 -7.17 -27.24 -17.22
C THR E 118 -5.86 -28.02 -17.21
N VAL E 119 -5.40 -28.37 -16.01
CA VAL E 119 -4.24 -29.24 -15.85
C VAL E 119 -4.73 -30.57 -15.27
N THR E 120 -4.31 -31.66 -15.89
CA THR E 120 -4.61 -32.99 -15.41
C THR E 120 -3.28 -33.63 -15.02
N VAL E 121 -3.18 -34.09 -13.78
CA VAL E 121 -1.97 -34.77 -13.35
C VAL E 121 -2.27 -36.27 -13.23
N SER E 122 -1.58 -37.05 -14.06
CA SER E 122 -1.90 -38.48 -14.15
C SER E 122 -0.78 -39.22 -14.87
N SER E 123 -0.56 -40.47 -14.47
CA SER E 123 0.36 -41.36 -15.17
C SER E 123 -0.31 -42.16 -16.29
N ALA E 124 -1.62 -42.00 -16.45
CA ALA E 124 -2.34 -42.71 -17.52
C ALA E 124 -1.97 -42.19 -18.91
N LYS E 125 -2.01 -43.11 -19.86
CA LYS E 125 -1.92 -42.79 -21.29
C LYS E 125 -3.14 -42.05 -21.82
N THR E 126 -2.99 -41.44 -22.97
CA THR E 126 -4.07 -40.78 -23.64
C THR E 126 -4.91 -41.81 -24.40
N THR E 127 -6.22 -41.76 -24.20
CA THR E 127 -7.14 -42.59 -24.99
C THR E 127 -8.09 -41.69 -25.78
N ALA E 128 -8.10 -41.85 -27.11
CA ALA E 128 -9.04 -41.16 -28.01
C ALA E 128 -10.44 -41.75 -27.87
N PRO E 129 -11.48 -40.90 -27.96
CA PRO E 129 -12.83 -41.43 -27.80
C PRO E 129 -13.37 -42.29 -28.98
N SER E 130 -14.24 -43.24 -28.67
CA SER E 130 -15.08 -43.85 -29.68
C SER E 130 -16.25 -42.91 -29.84
N VAL E 131 -16.77 -42.81 -31.06
CA VAL E 131 -17.84 -41.87 -31.36
C VAL E 131 -18.96 -42.61 -32.08
N TYR E 132 -20.13 -42.60 -31.47
CA TYR E 132 -21.28 -43.38 -31.96
C TYR E 132 -22.50 -42.50 -32.22
N PRO E 133 -23.22 -42.79 -33.31
CA PRO E 133 -24.41 -42.01 -33.61
C PRO E 133 -25.59 -42.57 -32.84
N LEU E 134 -26.50 -41.69 -32.46
CA LEU E 134 -27.72 -42.05 -31.75
C LEU E 134 -28.88 -41.55 -32.58
N ALA E 135 -29.66 -42.48 -33.10
CA ALA E 135 -30.81 -42.12 -33.91
C ALA E 135 -31.97 -43.02 -33.56
N PRO E 136 -33.21 -42.50 -33.67
CA PRO E 136 -34.37 -43.35 -33.33
C PRO E 136 -34.41 -44.59 -34.25
N VAL E 137 -34.79 -45.78 -33.75
CA VAL E 137 -34.90 -46.97 -34.63
C VAL E 137 -35.66 -46.63 -35.92
N CYS E 138 -35.09 -47.02 -37.06
CA CYS E 138 -35.68 -46.81 -38.40
C CYS E 138 -36.02 -45.35 -38.72
N GLY E 139 -35.40 -44.41 -38.00
CA GLY E 139 -35.79 -43.00 -38.10
C GLY E 139 -37.24 -42.77 -37.70
N ASP E 140 -37.77 -43.61 -36.80
CA ASP E 140 -39.16 -43.49 -36.33
C ASP E 140 -39.37 -42.08 -35.81
N THR E 141 -40.38 -41.40 -36.36
CA THR E 141 -40.65 -40.00 -35.99
C THR E 141 -41.29 -39.90 -34.62
N THR E 142 -41.16 -38.74 -34.00
CA THR E 142 -41.72 -38.44 -32.69
C THR E 142 -42.49 -37.12 -32.79
N GLY E 143 -43.51 -37.09 -33.64
CA GLY E 143 -44.31 -35.88 -33.88
C GLY E 143 -43.61 -34.86 -34.77
N SER E 144 -43.68 -33.60 -34.37
CA SER E 144 -43.16 -32.46 -35.12
C SER E 144 -41.65 -32.25 -34.95
N SER E 145 -41.05 -32.95 -33.99
CA SER E 145 -39.62 -32.85 -33.70
C SER E 145 -38.94 -34.20 -33.70
N VAL E 146 -37.63 -34.20 -33.88
CA VAL E 146 -36.84 -35.41 -33.74
C VAL E 146 -35.60 -35.06 -32.94
N THR E 147 -35.25 -35.95 -32.00
CA THR E 147 -34.03 -35.82 -31.22
C THR E 147 -33.00 -36.84 -31.67
N LEU E 148 -31.78 -36.36 -31.95
CA LEU E 148 -30.66 -37.24 -32.32
C LEU E 148 -29.59 -37.07 -31.26
N GLY E 149 -28.62 -37.97 -31.26
CA GLY E 149 -27.53 -37.83 -30.34
C GLY E 149 -26.19 -38.35 -30.83
N CYS E 150 -25.21 -38.16 -29.96
CA CYS E 150 -23.85 -38.52 -30.24
C CYS E 150 -23.29 -39.10 -28.95
N LEU E 151 -22.73 -40.30 -29.01
CA LEU E 151 -22.16 -40.93 -27.83
C LEU E 151 -20.65 -40.95 -27.98
N VAL E 152 -19.97 -40.30 -27.04
CA VAL E 152 -18.52 -40.13 -27.09
C VAL E 152 -17.97 -40.96 -25.92
N LYS E 153 -17.41 -42.13 -26.23
CA LYS E 153 -17.16 -43.12 -25.20
C LYS E 153 -15.68 -43.53 -25.07
N GLY E 154 -15.16 -43.41 -23.86
CA GLY E 154 -13.85 -43.93 -23.55
C GLY E 154 -12.70 -43.02 -23.95
N TYR E 155 -12.63 -41.84 -23.35
CA TYR E 155 -11.50 -40.97 -23.61
C TYR E 155 -10.83 -40.47 -22.34
N PHE E 156 -9.57 -40.09 -22.50
CA PHE E 156 -8.78 -39.51 -21.45
C PHE E 156 -7.57 -38.80 -22.06
N PRO E 157 -7.25 -37.59 -21.59
CA PRO E 157 -7.90 -36.82 -20.53
C PRO E 157 -9.10 -36.03 -21.08
N GLU E 158 -9.83 -35.36 -20.20
CA GLU E 158 -10.69 -34.23 -20.60
C GLU E 158 -9.80 -33.09 -21.10
N PRO E 159 -10.33 -32.21 -21.97
CA PRO E 159 -11.69 -32.15 -22.50
C PRO E 159 -11.85 -32.78 -23.89
N VAL E 160 -13.11 -32.91 -24.31
CA VAL E 160 -13.44 -33.06 -25.71
C VAL E 160 -14.26 -31.83 -26.09
N THR E 161 -14.25 -31.51 -27.37
CA THR E 161 -15.16 -30.51 -27.91
C THR E 161 -16.14 -31.25 -28.81
N LEU E 162 -17.42 -31.04 -28.57
CA LEU E 162 -18.45 -31.58 -29.44
C LEU E 162 -19.31 -30.48 -30.03
N THR E 163 -19.48 -30.54 -31.35
CA THR E 163 -20.36 -29.62 -32.05
C THR E 163 -21.29 -30.42 -32.95
N TRP E 164 -22.36 -29.76 -33.40
CA TRP E 164 -23.29 -30.34 -34.36
C TRP E 164 -23.23 -29.48 -35.61
N ASN E 165 -23.00 -30.10 -36.77
CA ASN E 165 -22.78 -29.39 -38.05
C ASN E 165 -21.80 -28.22 -37.97
N SER E 166 -20.74 -28.45 -37.18
CA SER E 166 -19.61 -27.50 -37.02
C SER E 166 -19.96 -26.25 -36.22
N GLY E 167 -21.05 -26.35 -35.48
CA GLY E 167 -21.53 -25.28 -34.67
C GLY E 167 -22.66 -24.53 -35.36
N SER E 168 -23.01 -24.90 -36.59
CA SER E 168 -24.14 -24.21 -37.26
C SER E 168 -25.48 -24.68 -36.67
N LEU E 169 -25.44 -25.80 -35.96
CA LEU E 169 -26.56 -26.27 -35.16
C LEU E 169 -26.24 -26.08 -33.68
N SER E 170 -26.83 -25.06 -33.09
CA SER E 170 -26.48 -24.66 -31.73
C SER E 170 -27.67 -24.65 -30.77
N SER E 171 -28.84 -24.31 -31.30
CA SER E 171 -30.07 -24.35 -30.52
C SER E 171 -30.58 -25.78 -30.34
N GLY E 172 -31.22 -26.01 -29.22
CA GLY E 172 -31.80 -27.33 -28.91
C GLY E 172 -30.81 -28.44 -28.68
N VAL E 173 -29.61 -28.08 -28.20
CA VAL E 173 -28.57 -29.04 -27.90
C VAL E 173 -28.44 -29.21 -26.39
N HIS E 174 -28.20 -30.44 -25.94
CA HIS E 174 -27.81 -30.66 -24.56
C HIS E 174 -26.59 -31.55 -24.57
N THR E 175 -25.46 -31.03 -24.13
CA THR E 175 -24.27 -31.86 -24.01
C THR E 175 -24.04 -32.19 -22.54
N PHE E 176 -24.04 -33.47 -22.23
CA PHE E 176 -24.06 -33.95 -20.84
C PHE E 176 -22.66 -34.03 -20.27
N PRO E 177 -22.47 -33.59 -19.01
CA PRO E 177 -21.16 -33.73 -18.42
C PRO E 177 -20.66 -35.18 -18.49
N ALA E 178 -19.35 -35.34 -18.65
CA ALA E 178 -18.72 -36.64 -18.78
C ALA E 178 -18.85 -37.40 -17.46
N VAL E 179 -18.96 -38.72 -17.54
CA VAL E 179 -18.90 -39.59 -16.34
C VAL E 179 -17.74 -40.54 -16.52
N LEU E 180 -17.34 -41.20 -15.44
CA LEU E 180 -16.25 -42.18 -15.48
C LEU E 180 -16.79 -43.61 -15.64
N GLN E 181 -16.61 -44.12 -16.85
CA GLN E 181 -17.01 -45.46 -17.21
C GLN E 181 -15.77 -46.24 -17.59
N SER E 182 -15.54 -47.38 -16.91
CA SER E 182 -14.34 -48.19 -17.08
C SER E 182 -13.07 -47.36 -16.95
N ASP E 183 -13.07 -46.42 -15.99
CA ASP E 183 -11.92 -45.52 -15.70
C ASP E 183 -11.59 -44.52 -16.83
N LEU E 184 -12.51 -44.37 -17.78
CA LEU E 184 -12.36 -43.38 -18.84
C LEU E 184 -13.63 -42.55 -18.88
N TYR E 185 -13.59 -41.44 -19.59
CA TYR E 185 -14.73 -40.57 -19.69
C TYR E 185 -15.64 -41.01 -20.82
N THR E 186 -16.94 -40.91 -20.55
CA THR E 186 -17.98 -41.05 -21.54
C THR E 186 -18.88 -39.85 -21.41
N LEU E 187 -19.18 -39.22 -22.53
CA LEU E 187 -20.27 -38.24 -22.57
C LEU E 187 -21.23 -38.44 -23.75
N SER E 188 -22.35 -37.71 -23.72
CA SER E 188 -23.31 -37.77 -24.80
C SER E 188 -23.82 -36.36 -25.06
N SER E 189 -24.34 -36.15 -26.24
CA SER E 189 -25.00 -34.91 -26.56
C SER E 189 -26.27 -35.24 -27.34
N SER E 190 -27.32 -34.47 -27.10
CA SER E 190 -28.56 -34.58 -27.84
C SER E 190 -28.74 -33.33 -28.65
N VAL E 191 -29.37 -33.47 -29.81
CA VAL E 191 -29.80 -32.32 -30.55
C VAL E 191 -31.24 -32.54 -30.97
N THR E 192 -32.06 -31.50 -30.86
CA THR E 192 -33.45 -31.60 -31.30
C THR E 192 -33.73 -30.61 -32.43
N VAL E 193 -34.29 -31.14 -33.53
CA VAL E 193 -34.63 -30.35 -34.71
C VAL E 193 -36.07 -30.71 -35.12
N THR E 194 -36.65 -29.97 -36.08
CA THR E 194 -37.99 -30.30 -36.59
C THR E 194 -37.89 -31.54 -37.46
N SER E 195 -38.97 -32.34 -37.48
CA SER E 195 -39.09 -33.54 -38.30
C SER E 195 -38.74 -33.31 -39.77
N SER E 196 -39.04 -32.11 -40.26
CA SER E 196 -38.78 -31.75 -41.66
C SER E 196 -37.32 -31.40 -41.94
N THR E 197 -36.51 -31.32 -40.88
CA THR E 197 -35.07 -31.07 -41.01
C THR E 197 -34.29 -32.35 -41.26
N TRP E 198 -34.63 -33.39 -40.51
CA TRP E 198 -33.89 -34.63 -40.55
C TRP E 198 -34.86 -35.80 -40.75
N PRO E 199 -34.50 -36.80 -41.60
CA PRO E 199 -33.26 -36.97 -42.37
C PRO E 199 -33.09 -36.23 -43.71
N SER E 200 -34.01 -35.36 -44.09
CA SER E 200 -33.85 -34.64 -45.37
C SER E 200 -32.57 -33.76 -45.45
N GLN E 201 -32.13 -33.24 -44.31
CA GLN E 201 -30.88 -32.50 -44.26
C GLN E 201 -29.87 -33.22 -43.36
N SER E 202 -28.61 -32.95 -43.63
CA SER E 202 -27.49 -33.62 -43.01
C SER E 202 -27.27 -33.14 -41.57
N ILE E 203 -27.19 -34.10 -40.65
CA ILE E 203 -26.81 -33.82 -39.28
C ILE E 203 -25.63 -34.70 -38.88
N THR E 204 -24.57 -34.04 -38.39
CA THR E 204 -23.28 -34.66 -38.10
C THR E 204 -22.80 -34.14 -36.75
N CYS E 205 -22.39 -35.02 -35.85
CA CYS E 205 -21.73 -34.53 -34.62
C CYS E 205 -20.23 -34.55 -34.86
N ASN E 206 -19.57 -33.49 -34.43
CA ASN E 206 -18.12 -33.33 -34.56
C ASN E 206 -17.47 -33.41 -33.19
N VAL E 207 -16.53 -34.33 -33.04
CA VAL E 207 -15.88 -34.56 -31.76
C VAL E 207 -14.38 -34.34 -31.92
N ALA E 208 -13.84 -33.40 -31.15
CA ALA E 208 -12.39 -33.15 -31.17
C ALA E 208 -11.83 -33.52 -29.84
N HIS E 209 -10.76 -34.31 -29.85
CA HIS E 209 -10.02 -34.65 -28.65
C HIS E 209 -8.58 -34.18 -28.80
N PRO E 210 -8.29 -32.96 -28.32
CA PRO E 210 -6.97 -32.34 -28.54
C PRO E 210 -5.78 -33.15 -27.96
N ALA E 211 -5.98 -33.82 -26.83
CA ALA E 211 -4.94 -34.66 -26.25
C ALA E 211 -4.44 -35.74 -27.19
N SER E 212 -5.33 -36.27 -28.03
CA SER E 212 -4.94 -37.33 -28.96
C SER E 212 -4.89 -36.81 -30.38
N SER E 213 -5.02 -35.50 -30.55
CA SER E 213 -5.07 -34.83 -31.85
C SER E 213 -6.09 -35.47 -32.79
N THR E 214 -7.26 -35.82 -32.26
CA THR E 214 -8.29 -36.45 -33.10
C THR E 214 -9.47 -35.50 -33.35
N LYS E 215 -10.03 -35.62 -34.53
CA LYS E 215 -11.25 -34.90 -34.90
C LYS E 215 -12.07 -35.89 -35.71
N VAL E 216 -13.25 -36.22 -35.19
CA VAL E 216 -14.14 -37.22 -35.78
C VAL E 216 -15.45 -36.56 -36.18
N ASP E 217 -15.91 -36.89 -37.37
CA ASP E 217 -17.22 -36.53 -37.82
C ASP E 217 -18.07 -37.80 -37.86
N LYS E 218 -19.23 -37.74 -37.23
CA LYS E 218 -20.17 -38.84 -37.31
C LYS E 218 -21.51 -38.34 -37.83
N LYS E 219 -21.82 -38.69 -39.07
CA LYS E 219 -23.14 -38.40 -39.64
C LYS E 219 -24.20 -39.31 -39.03
N ILE E 220 -25.31 -38.70 -38.62
CA ILE E 220 -26.42 -39.44 -38.03
C ILE E 220 -27.34 -39.94 -39.15
N GLU E 221 -27.43 -41.27 -39.31
CA GLU E 221 -28.21 -41.89 -40.38
C GLU E 221 -29.40 -42.65 -39.83
N PRO E 222 -30.54 -42.69 -40.58
CA PRO E 222 -31.60 -43.55 -40.07
C PRO E 222 -31.27 -45.02 -40.37
N ARG E 223 -31.44 -45.90 -39.40
CA ARG E 223 -31.08 -47.31 -39.61
C ARG E 223 -32.14 -48.24 -39.06
N GLY E 224 -32.46 -49.28 -39.83
CA GLY E 224 -33.48 -50.24 -39.42
C GLY E 224 -32.94 -51.63 -39.14
N GLY E 225 -33.84 -52.59 -39.02
CA GLY E 225 -33.43 -53.98 -38.85
C GLY E 225 -34.14 -54.53 -37.65
S SO4 F . -21.43 -62.34 -22.57
O1 SO4 F . -22.40 -61.46 -21.94
O2 SO4 F . -20.65 -61.58 -23.55
O3 SO4 F . -20.57 -62.89 -21.53
O4 SO4 F . -22.11 -63.46 -23.23
C ACY G . -28.19 -26.77 -20.94
O ACY G . -29.44 -26.56 -20.96
OXT ACY G . -27.60 -27.64 -21.67
CH3 ACY G . -27.38 -25.94 -19.97
S SO4 H . -13.22 -4.17 -23.78
O1 SO4 H . -12.88 -2.75 -23.62
O2 SO4 H . -13.72 -4.70 -22.50
O3 SO4 H . -14.22 -4.33 -24.83
O4 SO4 H . -12.02 -4.90 -24.16
#